data_6ACN
#
_entry.id   6ACN
#
_cell.length_a   173.600
_cell.length_b   72.000
_cell.length_c   72.700
_cell.angle_alpha   90.00
_cell.angle_beta   90.00
_cell.angle_gamma   90.00
#
_symmetry.space_group_name_H-M   'P 21 21 2'
#
loop_
_entity.id
_entity.type
_entity.pdbx_description
1 polymer ACONITASE
2 non-polymer 'SULFATE ION'
3 non-polymer 'IRON/SULFUR CLUSTER'
4 non-polymer 'TRICARBALLYLIC ACID'
5 water water
#
_entity_poly.entity_id   1
_entity_poly.type   'polypeptide(L)'
_entity_poly.pdbx_seq_one_letter_code
;(PCA)RAKVAMSHFEPHEYIRYDLLEKNIDIVRKRLNRPLTLSEKIVYGHLDDPANQEIERGKTYLRLRPDRVAMQDATA
QMAMLQFISSGLPKVAVPSTIHCDHLIEAQLGGEKDLRRAKDINQEVYNFLATAGAKYGVGFWRPGSGIIHQIILENYAY
PGVLLIGTDSHTPNGGGLGGICIGVGGADAVDVMAGIPWELKCPKVIGVKLTGSLSGWTSPKDVILKVAGILTVKGGTGA
IVEYHGPGVDSISCTGMATICNMGAEIGATTSVFPYNHRMKKYLSKTGRADIANLADEFKDHLVPDPGCHYDQVIEINLS
ELKPHINGPFTPDLAHPVAEVGSVAEKEGWPLDIRVGLIGSCTNSSYEDMGRSAAVAKQALAHGLKCKSQFTITPGSEQI
RATIERDGYAQVLRDVGGIVLANACGPCIGQWDRKDIKKGEKNTIVTSYNRNFTGRNDANPETHAFVTSPEIVTALAIAG
TLKFNPETDFLTGKDGKKFKLEAPDADELPRAEFDPGQDTYQHPPKDSSGQRVDVSPTSQRLQLLEPFDKWDGKDLEDLQ
ILIKVKGKCTTDHISAAGPWLKFRGHLDNISNNLLIGAINIENRKANSVRNAVTQEFGPVPDTARYYKQHGIRWVVIGDE
NYGEGSSREHSALEPRHLGGRAIITKSFARIHETNLKKQGLLPLTFADPADYNKIHPVDKLTIQGLKDFAPGKPLKCIIK
HPNGTQETILLNHTFNETQIEWFRAGSALNRMKELQQK
;
_entity_poly.pdbx_strand_id   A
#
loop_
_chem_comp.id
_chem_comp.type
_chem_comp.name
_chem_comp.formula
SF4 non-polymer 'IRON/SULFUR CLUSTER' 'Fe4 S4'
SO4 non-polymer 'SULFATE ION' 'O4 S -2'
TRC non-polymer 'TRICARBALLYLIC ACID' 'C6 H8 O6'
#
# COMPACT_ATOMS: atom_id res chain seq x y z
N PCA A 1 8.02 6.09 -31.57
CA PCA A 1 8.19 4.65 -31.77
CB PCA A 1 7.17 3.97 -30.85
CG PCA A 1 6.37 5.11 -30.17
CD PCA A 1 7.01 6.39 -30.74
OE PCA A 1 6.63 7.55 -30.49
C PCA A 1 7.85 4.47 -33.27
O PCA A 1 7.70 5.45 -34.02
N ARG A 2 7.72 3.26 -33.80
CA ARG A 2 7.32 3.08 -35.19
C ARG A 2 5.83 2.75 -35.01
N ALA A 3 5.52 1.93 -34.00
CA ALA A 3 4.16 1.69 -33.53
C ALA A 3 3.55 2.98 -32.90
N LYS A 4 2.26 3.13 -32.72
CA LYS A 4 1.73 4.38 -32.25
C LYS A 4 0.51 3.98 -31.50
N VAL A 5 0.69 3.26 -30.40
CA VAL A 5 -0.41 2.68 -29.62
C VAL A 5 -0.50 3.48 -28.33
N ALA A 6 -1.62 4.07 -27.95
CA ALA A 6 -1.69 4.90 -26.76
C ALA A 6 -1.59 4.09 -25.50
N MET A 7 -1.10 4.76 -24.47
CA MET A 7 -0.98 4.23 -23.12
C MET A 7 -2.32 3.73 -22.54
N SER A 8 -3.40 4.46 -22.86
CA SER A 8 -4.75 4.15 -22.45
C SER A 8 -5.71 4.95 -23.34
N HIS A 9 -7.03 4.82 -23.11
CA HIS A 9 -8.09 5.63 -23.71
C HIS A 9 -8.15 7.07 -23.14
N PHE A 10 -7.53 7.36 -21.99
CA PHE A 10 -7.67 8.67 -21.38
C PHE A 10 -6.50 9.52 -21.80
N GLU A 11 -5.46 8.96 -22.41
CA GLU A 11 -4.30 9.69 -22.90
C GLU A 11 -3.97 9.14 -24.26
N PRO A 12 -4.75 9.49 -25.29
CA PRO A 12 -4.65 8.96 -26.66
C PRO A 12 -3.44 9.35 -27.51
N HIS A 13 -2.67 10.24 -26.92
CA HIS A 13 -1.59 11.01 -27.52
C HIS A 13 -0.29 10.62 -26.88
N GLU A 14 -0.35 9.72 -25.91
CA GLU A 14 0.79 9.42 -25.08
C GLU A 14 0.98 7.97 -25.47
N TYR A 15 2.08 7.57 -26.12
CA TYR A 15 2.18 6.22 -26.70
C TYR A 15 3.16 5.37 -25.95
N ILE A 16 2.95 4.06 -25.95
CA ILE A 16 3.80 3.13 -25.23
C ILE A 16 5.19 3.08 -25.84
N ARG A 17 6.26 3.18 -25.05
CA ARG A 17 7.58 3.11 -25.62
C ARG A 17 8.38 1.83 -25.38
N TYR A 18 8.03 0.71 -26.00
CA TYR A 18 8.78 -0.55 -25.88
C TYR A 18 10.05 -0.57 -26.72
N ASP A 19 10.18 0.31 -27.69
CA ASP A 19 11.39 0.51 -28.45
C ASP A 19 12.43 1.08 -27.48
N LEU A 20 12.06 2.00 -26.60
CA LEU A 20 12.95 2.59 -25.62
C LEU A 20 13.36 1.64 -24.50
N LEU A 21 12.36 0.88 -24.03
CA LEU A 21 12.55 -0.23 -23.09
C LEU A 21 13.63 -1.14 -23.66
N GLU A 22 13.39 -1.69 -24.85
CA GLU A 22 14.32 -2.48 -25.60
C GLU A 22 15.64 -1.80 -25.88
N LYS A 23 15.77 -0.54 -26.22
CA LYS A 23 17.07 0.05 -26.40
C LYS A 23 17.80 0.09 -25.06
N ASN A 24 17.15 0.44 -23.95
CA ASN A 24 17.83 0.49 -22.67
C ASN A 24 18.14 -0.87 -22.10
N ILE A 25 17.31 -1.89 -22.31
CA ILE A 25 17.56 -3.27 -21.87
C ILE A 25 18.83 -3.80 -22.52
N ASP A 26 18.97 -3.45 -23.77
CA ASP A 26 20.05 -3.90 -24.57
C ASP A 26 21.34 -3.18 -24.29
N ILE A 27 21.29 -1.88 -24.08
CA ILE A 27 22.43 -1.17 -23.53
C ILE A 27 22.89 -1.87 -22.22
N VAL A 28 22.01 -2.03 -21.23
CA VAL A 28 22.27 -2.63 -19.94
C VAL A 28 22.84 -4.02 -20.00
N ARG A 29 22.10 -4.83 -20.76
CA ARG A 29 22.40 -6.21 -21.06
C ARG A 29 23.87 -6.28 -21.39
N LYS A 30 24.36 -5.50 -22.36
CA LYS A 30 25.75 -5.56 -22.71
C LYS A 30 26.72 -4.98 -21.71
N ARG A 31 26.37 -4.25 -20.65
CA ARG A 31 27.40 -3.83 -19.71
C ARG A 31 27.53 -4.97 -18.73
N LEU A 32 26.36 -5.53 -18.42
CA LEU A 32 26.28 -6.57 -17.44
C LEU A 32 26.70 -7.95 -17.84
N ASN A 33 26.58 -8.37 -19.10
CA ASN A 33 26.91 -9.71 -19.56
C ASN A 33 26.34 -10.88 -18.76
N ARG A 34 25.05 -10.90 -18.49
CA ARG A 34 24.40 -11.98 -17.75
C ARG A 34 22.95 -11.92 -18.13
N PRO A 35 22.17 -12.99 -17.96
CA PRO A 35 20.72 -12.93 -18.08
C PRO A 35 20.07 -12.00 -17.04
N LEU A 36 19.03 -11.22 -17.36
CA LEU A 36 18.35 -10.30 -16.47
C LEU A 36 17.06 -10.97 -16.03
N THR A 37 16.55 -10.74 -14.82
CA THR A 37 15.23 -11.22 -14.47
C THR A 37 14.22 -10.31 -15.19
N LEU A 38 12.91 -10.57 -15.15
CA LEU A 38 11.90 -9.69 -15.74
C LEU A 38 11.92 -8.32 -15.06
N SER A 39 11.91 -8.24 -13.72
CA SER A 39 11.96 -6.97 -13.02
C SER A 39 13.27 -6.27 -13.26
N GLU A 40 14.38 -6.94 -13.58
CA GLU A 40 15.58 -6.24 -13.99
C GLU A 40 15.28 -5.67 -15.35
N LYS A 41 14.78 -6.42 -16.32
CA LYS A 41 14.41 -5.90 -17.64
C LYS A 41 13.49 -4.66 -17.60
N ILE A 42 12.39 -4.65 -16.86
CA ILE A 42 11.52 -3.50 -16.79
C ILE A 42 12.13 -2.37 -15.98
N VAL A 43 12.81 -2.64 -14.88
CA VAL A 43 13.43 -1.59 -14.09
C VAL A 43 14.60 -0.95 -14.84
N TYR A 44 15.61 -1.71 -15.21
CA TYR A 44 16.75 -1.17 -15.91
C TYR A 44 16.33 -0.62 -17.28
N GLY A 45 15.28 -1.12 -17.92
CA GLY A 45 14.78 -0.61 -19.17
C GLY A 45 14.17 0.77 -19.01
N HIS A 46 14.05 1.27 -17.77
CA HIS A 46 13.53 2.60 -17.45
C HIS A 46 14.52 3.57 -16.74
N LEU A 47 15.81 3.28 -16.86
CA LEU A 47 16.85 4.10 -16.27
C LEU A 47 16.93 5.36 -17.09
N ASP A 48 17.28 6.45 -16.46
CA ASP A 48 17.43 7.69 -17.16
C ASP A 48 18.75 7.70 -17.92
N ASP A 49 19.80 7.05 -17.44
CA ASP A 49 21.06 6.92 -18.16
C ASP A 49 21.62 5.49 -18.04
N PRO A 50 21.14 4.53 -18.87
CA PRO A 50 21.48 3.13 -18.81
C PRO A 50 22.95 2.85 -19.06
N ALA A 51 23.58 3.65 -19.92
CA ALA A 51 25.00 3.55 -20.19
C ALA A 51 25.81 3.88 -18.93
N ASN A 52 25.50 4.91 -18.15
CA ASN A 52 26.30 5.26 -16.97
C ASN A 52 25.82 4.79 -15.64
N GLN A 53 24.53 4.54 -15.43
CA GLN A 53 24.04 3.99 -14.17
C GLN A 53 24.85 2.80 -13.66
N GLU A 54 25.25 2.91 -12.41
CA GLU A 54 25.96 1.91 -11.71
C GLU A 54 24.89 0.96 -11.18
N ILE A 55 24.87 -0.32 -11.54
CA ILE A 55 23.82 -1.24 -11.10
C ILE A 55 24.25 -2.37 -10.14
N GLU A 56 23.86 -2.36 -8.87
CA GLU A 56 24.26 -3.38 -7.90
C GLU A 56 23.06 -3.63 -7.01
N ARG A 57 22.58 -4.87 -6.96
CA ARG A 57 21.36 -5.21 -6.24
C ARG A 57 21.67 -5.03 -4.79
N GLY A 58 20.73 -4.34 -4.16
CA GLY A 58 20.72 -4.00 -2.73
C GLY A 58 21.77 -2.99 -2.34
N LYS A 59 22.44 -2.42 -3.33
CA LYS A 59 23.54 -1.48 -3.20
C LYS A 59 23.37 -0.16 -3.99
N THR A 60 23.15 0.03 -5.30
CA THR A 60 23.12 1.38 -5.83
C THR A 60 21.75 2.05 -5.86
N TYR A 61 21.57 3.39 -5.89
CA TYR A 61 20.24 3.98 -6.05
C TYR A 61 20.03 4.25 -7.52
N LEU A 62 19.11 3.51 -8.09
CA LEU A 62 18.73 3.65 -9.48
C LEU A 62 17.92 4.93 -9.65
N ARG A 63 18.18 5.59 -10.78
CA ARG A 63 17.63 6.88 -11.16
C ARG A 63 16.76 6.55 -12.36
N LEU A 64 15.44 6.56 -12.13
CA LEU A 64 14.45 6.02 -13.04
C LEU A 64 13.49 7.06 -13.56
N ARG A 65 12.72 6.69 -14.57
CA ARG A 65 11.74 7.56 -15.16
C ARG A 65 10.43 6.82 -15.25
N PRO A 66 9.57 6.88 -14.25
CA PRO A 66 8.27 6.22 -14.27
C PRO A 66 7.38 6.73 -15.41
N ASP A 67 6.51 5.89 -15.92
CA ASP A 67 5.59 6.26 -16.99
C ASP A 67 4.39 7.14 -16.62
N ARG A 68 3.79 6.82 -15.48
CA ARG A 68 2.58 7.46 -14.99
C ARG A 68 2.53 7.45 -13.48
N VAL A 69 1.79 8.40 -12.87
CA VAL A 69 1.61 8.54 -11.44
C VAL A 69 0.14 8.27 -11.11
N ALA A 70 -0.12 7.55 -10.03
CA ALA A 70 -1.47 7.38 -9.57
C ALA A 70 -1.51 7.70 -8.08
N MET A 71 -2.55 8.48 -7.78
CA MET A 71 -2.81 8.98 -6.46
C MET A 71 -4.22 8.59 -6.04
N GLN A 72 -4.37 8.55 -4.74
CA GLN A 72 -5.52 8.04 -4.05
C GLN A 72 -5.96 9.23 -3.19
N ASP A 73 -7.24 9.54 -2.97
CA ASP A 73 -7.58 10.79 -2.30
C ASP A 73 -7.16 10.98 -0.86
N ALA A 74 -6.81 9.93 -0.12
CA ALA A 74 -6.27 10.19 1.20
C ALA A 74 -4.80 10.60 1.06
N THR A 75 -4.03 10.30 0.02
CA THR A 75 -2.67 10.81 -0.03
C THR A 75 -2.43 11.82 -1.14
N ALA A 76 -3.38 12.00 -2.04
CA ALA A 76 -3.29 12.97 -3.13
C ALA A 76 -3.34 14.41 -2.67
N GLN A 77 -3.98 14.70 -1.53
CA GLN A 77 -4.10 16.07 -1.05
C GLN A 77 -2.76 16.65 -0.67
N MET A 78 -1.99 15.96 0.17
CA MET A 78 -0.69 16.42 0.59
C MET A 78 0.23 16.38 -0.62
N ALA A 79 0.07 15.38 -1.50
CA ALA A 79 0.83 15.28 -2.75
C ALA A 79 0.62 16.47 -3.68
N MET A 80 -0.66 16.90 -3.88
CA MET A 80 -1.02 18.08 -4.65
C MET A 80 -0.67 19.36 -3.93
N LEU A 81 -0.75 19.48 -2.58
CA LEU A 81 -0.32 20.68 -1.87
C LEU A 81 1.20 20.85 -1.97
N GLN A 82 2.03 19.80 -1.92
CA GLN A 82 3.49 19.96 -2.11
C GLN A 82 3.76 20.29 -3.57
N PHE A 83 3.03 19.68 -4.55
CA PHE A 83 3.18 20.02 -5.96
C PHE A 83 2.87 21.49 -6.17
N ILE A 84 1.74 21.96 -5.66
CA ILE A 84 1.39 23.37 -5.64
C ILE A 84 2.56 24.25 -5.14
N SER A 85 3.37 23.85 -4.14
CA SER A 85 4.57 24.57 -3.70
C SER A 85 5.77 24.48 -4.61
N SER A 86 5.89 23.51 -5.53
CA SER A 86 7.03 23.42 -6.41
C SER A 86 6.91 24.63 -7.30
N GLY A 87 5.68 25.03 -7.64
CA GLY A 87 5.42 26.23 -8.44
C GLY A 87 5.33 25.83 -9.92
N LEU A 88 5.50 24.54 -10.19
CA LEU A 88 5.55 24.05 -11.53
C LEU A 88 4.20 24.26 -12.20
N PRO A 89 4.09 24.49 -13.52
CA PRO A 89 2.80 24.73 -14.18
C PRO A 89 1.84 23.58 -14.41
N LYS A 90 2.34 22.41 -14.74
CA LYS A 90 1.52 21.30 -15.12
C LYS A 90 2.38 20.09 -14.81
N VAL A 91 1.77 18.92 -14.74
CA VAL A 91 2.50 17.71 -14.37
C VAL A 91 3.24 17.17 -15.58
N ALA A 92 4.34 16.46 -15.47
CA ALA A 92 5.14 15.96 -16.57
C ALA A 92 4.97 14.53 -17.08
N VAL A 93 4.20 13.64 -16.47
CA VAL A 93 3.94 12.30 -17.02
C VAL A 93 2.43 12.09 -16.80
N PRO A 94 1.66 11.21 -17.48
CA PRO A 94 0.23 10.96 -17.18
C PRO A 94 -0.08 10.75 -15.68
N SER A 95 -0.92 11.54 -15.03
CA SER A 95 -1.22 11.34 -13.60
C SER A 95 -2.70 11.23 -13.31
N THR A 96 -3.15 10.40 -12.38
CA THR A 96 -4.57 10.37 -12.06
C THR A 96 -4.82 10.45 -10.54
N ILE A 97 -6.01 10.91 -10.13
CA ILE A 97 -6.45 10.94 -8.74
C ILE A 97 -7.70 10.06 -8.69
N HIS A 98 -7.82 9.25 -7.65
CA HIS A 98 -8.95 8.33 -7.48
C HIS A 98 -9.58 8.66 -6.12
N CYS A 99 -10.91 8.71 -6.01
CA CYS A 99 -11.50 9.06 -4.74
C CYS A 99 -12.15 7.88 -4.08
N ASP A 100 -11.40 7.21 -3.23
CA ASP A 100 -11.82 5.98 -2.60
C ASP A 100 -11.67 5.91 -1.09
N HIS A 101 -10.81 6.71 -0.48
CA HIS A 101 -10.51 6.60 0.93
C HIS A 101 -11.37 7.39 1.92
N LEU A 102 -12.21 8.37 1.52
CA LEU A 102 -13.04 9.17 2.41
C LEU A 102 -14.54 8.82 2.42
N ILE A 103 -14.94 7.64 1.98
CA ILE A 103 -16.35 7.24 1.93
C ILE A 103 -16.55 6.17 3.00
N GLU A 104 -17.29 6.51 4.09
CA GLU A 104 -17.55 5.57 5.16
C GLU A 104 -18.76 4.66 5.03
N ALA A 105 -18.51 3.36 5.24
CA ALA A 105 -19.52 2.31 5.23
C ALA A 105 -20.43 2.40 6.42
N GLN A 106 -21.71 2.53 6.11
CA GLN A 106 -22.70 2.69 7.13
C GLN A 106 -24.02 2.00 6.80
N LEU A 107 -24.71 2.37 5.72
CA LEU A 107 -26.03 1.84 5.39
C LEU A 107 -26.00 0.98 4.13
N GLY A 108 -25.15 1.41 3.19
CA GLY A 108 -24.95 0.71 1.92
C GLY A 108 -24.56 1.72 0.84
N GLY A 109 -24.27 1.15 -0.33
CA GLY A 109 -23.82 1.81 -1.53
C GLY A 109 -24.24 3.23 -1.71
N GLU A 110 -25.36 3.39 -2.36
CA GLU A 110 -25.96 4.66 -2.67
C GLU A 110 -26.01 5.68 -1.51
N LYS A 111 -26.41 5.23 -0.31
CA LYS A 111 -26.56 6.11 0.85
C LYS A 111 -25.23 6.57 1.42
N ASP A 112 -24.28 5.65 1.59
CA ASP A 112 -22.99 6.03 2.11
C ASP A 112 -22.23 7.01 1.21
N LEU A 113 -22.47 6.92 -0.11
CA LEU A 113 -21.86 7.82 -1.05
C LEU A 113 -22.49 9.21 -1.06
N ARG A 114 -23.81 9.36 -1.06
CA ARG A 114 -24.43 10.69 -1.07
C ARG A 114 -23.89 11.44 0.16
N ARG A 115 -23.81 10.77 1.34
CA ARG A 115 -23.23 11.32 2.58
C ARG A 115 -21.75 11.60 2.38
N ALA A 116 -20.88 10.74 1.80
CA ALA A 116 -19.49 11.06 1.58
C ALA A 116 -19.32 12.36 0.85
N LYS A 117 -20.06 12.52 -0.27
CA LYS A 117 -20.02 13.70 -1.14
C LYS A 117 -20.48 14.97 -0.44
N ASP A 118 -21.52 14.91 0.39
CA ASP A 118 -21.94 16.06 1.18
C ASP A 118 -20.84 16.39 2.18
N ILE A 119 -20.43 15.40 2.98
CA ILE A 119 -19.44 15.57 4.00
C ILE A 119 -18.09 16.06 3.48
N ASN A 120 -17.68 15.57 2.30
CA ASN A 120 -16.36 15.87 1.83
C ASN A 120 -16.19 16.84 0.71
N GLN A 121 -17.28 17.55 0.34
CA GLN A 121 -17.30 18.45 -0.84
C GLN A 121 -16.09 19.36 -0.91
N GLU A 122 -15.48 19.79 0.18
CA GLU A 122 -14.34 20.68 0.14
C GLU A 122 -13.11 20.04 -0.47
N VAL A 123 -12.77 18.84 -0.01
CA VAL A 123 -11.62 18.09 -0.45
C VAL A 123 -11.74 17.54 -1.85
N TYR A 124 -12.90 16.97 -2.16
CA TYR A 124 -13.18 16.45 -3.50
C TYR A 124 -13.04 17.56 -4.54
N ASN A 125 -13.62 18.69 -4.18
CA ASN A 125 -13.53 19.86 -5.02
C ASN A 125 -12.12 20.45 -5.16
N PHE A 126 -11.33 20.61 -4.11
CA PHE A 126 -9.92 20.93 -4.26
C PHE A 126 -9.26 19.94 -5.22
N LEU A 127 -9.45 18.63 -5.06
CA LEU A 127 -8.81 17.65 -5.92
C LEU A 127 -9.24 17.75 -7.37
N ALA A 128 -10.51 17.96 -7.58
CA ALA A 128 -11.02 18.03 -8.91
C ALA A 128 -10.50 19.27 -9.59
N THR A 129 -10.51 20.46 -8.98
CA THR A 129 -10.08 21.66 -9.69
C THR A 129 -8.56 21.73 -9.76
N ALA A 130 -7.82 21.16 -8.80
CA ALA A 130 -6.37 21.05 -8.92
C ALA A 130 -6.03 20.08 -10.04
N GLY A 131 -6.88 19.09 -10.24
CA GLY A 131 -6.78 18.19 -11.37
C GLY A 131 -6.96 18.93 -12.67
N ALA A 132 -8.06 19.67 -12.82
CA ALA A 132 -8.36 20.45 -14.00
C ALA A 132 -7.26 21.44 -14.23
N LYS A 133 -6.80 22.09 -13.19
CA LYS A 133 -5.68 22.96 -13.32
C LYS A 133 -4.34 22.35 -13.69
N TYR A 134 -3.80 21.30 -13.07
CA TYR A 134 -2.43 20.88 -13.35
C TYR A 134 -2.26 19.74 -14.31
N GLY A 135 -3.41 19.32 -14.82
CA GLY A 135 -3.55 18.29 -15.84
C GLY A 135 -3.64 16.87 -15.30
N VAL A 136 -4.21 16.57 -14.14
CA VAL A 136 -4.24 15.23 -13.64
C VAL A 136 -5.64 14.71 -13.91
N GLY A 137 -5.84 13.49 -14.36
CA GLY A 137 -7.19 12.96 -14.58
C GLY A 137 -7.85 12.71 -13.22
N PHE A 138 -9.18 12.85 -13.11
CA PHE A 138 -9.88 12.79 -11.84
C PHE A 138 -10.96 11.76 -11.85
N TRP A 139 -10.86 10.74 -11.03
CA TRP A 139 -11.91 9.74 -10.94
C TRP A 139 -12.74 10.10 -9.74
N ARG A 140 -13.96 10.36 -10.16
CA ARG A 140 -15.02 10.93 -9.32
C ARG A 140 -15.44 10.01 -8.14
N PRO A 141 -15.76 10.42 -6.92
CA PRO A 141 -16.05 9.50 -5.84
C PRO A 141 -17.19 8.56 -6.16
N GLY A 142 -16.93 7.31 -5.82
CA GLY A 142 -17.81 6.22 -6.08
C GLY A 142 -17.34 5.53 -7.34
N SER A 143 -16.33 6.05 -8.04
CA SER A 143 -15.96 5.41 -9.29
C SER A 143 -15.21 4.12 -9.13
N GLY A 144 -14.51 3.93 -7.99
CA GLY A 144 -13.78 2.72 -7.73
C GLY A 144 -12.58 2.95 -6.85
N ILE A 145 -11.90 1.87 -6.57
CA ILE A 145 -10.70 1.83 -5.75
C ILE A 145 -9.54 1.84 -6.74
N ILE A 146 -8.58 2.75 -6.52
CA ILE A 146 -7.39 2.99 -7.30
C ILE A 146 -6.72 1.75 -7.87
N HIS A 147 -6.50 0.61 -7.20
CA HIS A 147 -5.76 -0.48 -7.82
C HIS A 147 -6.60 -1.23 -8.84
N GLN A 148 -7.92 -1.18 -8.67
CA GLN A 148 -8.80 -1.80 -9.62
C GLN A 148 -8.96 -0.88 -10.82
N ILE A 149 -9.21 0.42 -10.71
CA ILE A 149 -9.29 1.29 -11.87
C ILE A 149 -7.98 1.24 -12.65
N ILE A 150 -6.84 1.13 -11.97
CA ILE A 150 -5.56 1.03 -12.64
C ILE A 150 -5.45 -0.27 -13.45
N LEU A 151 -5.77 -1.44 -12.90
CA LEU A 151 -5.61 -2.68 -13.63
C LEU A 151 -6.54 -2.79 -14.86
N GLU A 152 -7.73 -2.23 -14.65
CA GLU A 152 -8.75 -2.27 -15.68
C GLU A 152 -8.49 -1.24 -16.74
N ASN A 153 -7.76 -0.16 -16.46
CA ASN A 153 -7.59 0.89 -17.43
C ASN A 153 -6.18 1.29 -17.72
N TYR A 154 -5.32 1.41 -16.71
CA TYR A 154 -4.02 1.99 -16.92
C TYR A 154 -2.84 1.06 -16.84
N ALA A 155 -2.87 -0.15 -16.33
CA ALA A 155 -1.72 -1.03 -16.28
C ALA A 155 -1.59 -1.83 -17.57
N TYR A 156 -0.35 -2.07 -18.00
CA TYR A 156 -0.02 -2.86 -19.18
C TYR A 156 1.35 -3.51 -18.98
N PRO A 157 1.79 -4.58 -19.67
CA PRO A 157 3.11 -5.17 -19.51
C PRO A 157 4.21 -4.18 -19.83
N GLY A 158 5.14 -4.01 -18.91
CA GLY A 158 6.23 -3.10 -19.18
C GLY A 158 6.01 -1.73 -18.62
N VAL A 159 4.88 -1.37 -18.02
CA VAL A 159 4.76 -0.05 -17.42
C VAL A 159 5.59 -0.02 -16.13
N LEU A 160 6.13 1.13 -15.77
CA LEU A 160 6.78 1.35 -14.51
C LEU A 160 5.83 2.41 -13.98
N LEU A 161 5.05 2.10 -12.97
CA LEU A 161 4.03 3.00 -12.47
C LEU A 161 4.38 3.29 -10.98
N ILE A 162 4.23 4.49 -10.49
CA ILE A 162 4.33 4.72 -9.06
C ILE A 162 2.99 5.23 -8.53
N GLY A 163 2.55 4.77 -7.39
CA GLY A 163 1.30 5.21 -6.79
C GLY A 163 1.49 5.60 -5.32
N THR A 164 0.70 6.53 -4.77
CA THR A 164 0.82 6.89 -3.36
C THR A 164 -0.14 5.99 -2.56
N ASP A 165 0.28 4.72 -2.50
CA ASP A 165 -0.45 3.65 -1.85
C ASP A 165 0.46 2.44 -1.81
N SER A 166 0.49 1.77 -0.69
CA SER A 166 1.20 0.52 -0.52
C SER A 166 0.76 -0.65 -1.39
N HIS A 167 -0.50 -0.69 -1.83
CA HIS A 167 -1.04 -1.83 -2.54
C HIS A 167 -1.02 -1.70 -4.03
N THR A 168 -0.33 -0.64 -4.48
CA THR A 168 0.06 -0.35 -5.85
C THR A 168 0.81 -1.52 -6.50
N PRO A 169 1.58 -2.46 -5.90
CA PRO A 169 2.02 -3.68 -6.56
C PRO A 169 0.96 -4.52 -7.22
N ASN A 170 -0.33 -4.22 -6.96
CA ASN A 170 -1.44 -4.83 -7.63
C ASN A 170 -1.26 -4.91 -9.15
N GLY A 171 -0.78 -3.82 -9.75
CA GLY A 171 -0.52 -3.70 -11.19
C GLY A 171 0.35 -4.78 -11.79
N GLY A 172 1.26 -5.41 -11.04
CA GLY A 172 2.15 -6.49 -11.50
C GLY A 172 1.42 -7.71 -12.05
N GLY A 173 0.13 -7.81 -11.74
CA GLY A 173 -0.76 -8.82 -12.26
C GLY A 173 -0.94 -8.64 -13.75
N LEU A 174 -0.66 -7.46 -14.30
CA LEU A 174 -0.65 -7.21 -15.72
C LEU A 174 0.81 -7.01 -16.21
N GLY A 175 1.83 -7.59 -15.56
CA GLY A 175 3.19 -7.50 -16.04
C GLY A 175 3.88 -6.15 -15.89
N GLY A 176 3.32 -5.19 -15.15
CA GLY A 176 3.97 -3.92 -14.90
C GLY A 176 4.75 -3.87 -13.58
N ILE A 177 5.69 -2.93 -13.40
CA ILE A 177 6.44 -2.74 -12.18
C ILE A 177 5.79 -1.53 -11.58
N CYS A 178 4.93 -1.78 -10.62
CA CYS A 178 4.14 -0.73 -9.98
C CYS A 178 4.58 -0.58 -8.53
N ILE A 179 5.24 0.49 -8.13
CA ILE A 179 5.81 0.59 -6.80
C ILE A 179 5.07 1.64 -6.02
N GLY A 180 4.84 1.45 -4.74
CA GLY A 180 4.15 2.39 -3.88
C GLY A 180 5.17 3.33 -3.29
N VAL A 181 4.76 4.58 -3.14
CA VAL A 181 5.61 5.68 -2.69
C VAL A 181 4.79 6.64 -1.83
N GLY A 182 5.45 7.58 -1.15
CA GLY A 182 4.86 8.73 -0.45
C GLY A 182 4.64 9.90 -1.42
N GLY A 183 3.88 10.91 -1.12
CA GLY A 183 3.52 11.97 -2.03
C GLY A 183 4.70 12.75 -2.55
N ALA A 184 5.73 13.02 -1.75
CA ALA A 184 6.91 13.67 -2.27
C ALA A 184 7.64 12.84 -3.34
N ASP A 185 7.52 11.52 -3.47
CA ASP A 185 8.12 10.84 -4.60
C ASP A 185 7.26 11.09 -5.80
N ALA A 186 5.96 11.04 -5.60
CA ALA A 186 5.04 11.35 -6.67
C ALA A 186 5.29 12.76 -7.19
N VAL A 187 5.50 13.84 -6.41
CA VAL A 187 5.79 15.12 -7.05
C VAL A 187 7.16 15.14 -7.79
N ASP A 188 8.10 14.21 -7.67
CA ASP A 188 9.35 14.27 -8.41
C ASP A 188 9.09 13.86 -9.86
N VAL A 189 8.41 12.74 -10.07
CA VAL A 189 8.07 12.24 -11.40
C VAL A 189 7.13 13.23 -12.07
N MET A 190 6.17 13.71 -11.31
CA MET A 190 5.21 14.69 -11.75
C MET A 190 5.91 16.02 -12.07
N ALA A 191 6.97 16.44 -11.34
CA ALA A 191 7.81 17.60 -11.66
C ALA A 191 8.81 17.39 -12.81
N GLY A 192 9.11 16.14 -13.12
CA GLY A 192 9.97 15.85 -14.25
C GLY A 192 11.38 15.50 -13.90
N ILE A 193 11.65 15.26 -12.62
CA ILE A 193 12.99 15.01 -12.22
C ILE A 193 13.07 13.51 -12.01
N PRO A 194 14.23 12.87 -12.21
CA PRO A 194 14.36 11.43 -12.04
C PRO A 194 13.96 10.97 -10.61
N TRP A 195 13.42 9.77 -10.49
CA TRP A 195 12.99 9.21 -9.22
C TRP A 195 14.01 8.19 -8.75
N GLU A 196 14.44 8.13 -7.50
CA GLU A 196 15.41 7.13 -7.09
C GLU A 196 14.84 5.90 -6.43
N LEU A 197 15.47 4.73 -6.63
CA LEU A 197 15.05 3.50 -5.99
C LEU A 197 16.30 2.68 -5.74
N LYS A 198 16.56 2.23 -4.51
CA LYS A 198 17.63 1.33 -4.11
C LYS A 198 17.47 0.10 -4.96
N CYS A 199 18.53 -0.33 -5.64
CA CYS A 199 18.45 -1.44 -6.55
C CYS A 199 17.91 -2.63 -5.75
N PRO A 200 16.77 -3.20 -6.14
CA PRO A 200 16.19 -4.40 -5.53
C PRO A 200 16.90 -5.73 -5.74
N LYS A 201 16.75 -6.60 -4.77
CA LYS A 201 17.13 -7.98 -4.92
C LYS A 201 15.90 -8.61 -5.55
N VAL A 202 15.92 -9.83 -6.04
CA VAL A 202 14.75 -10.42 -6.66
C VAL A 202 14.50 -11.75 -5.98
N ILE A 203 13.35 -11.97 -5.33
CA ILE A 203 13.00 -13.26 -4.74
C ILE A 203 12.22 -13.92 -5.86
N GLY A 204 12.48 -15.17 -6.17
CA GLY A 204 11.78 -15.82 -7.24
C GLY A 204 10.89 -16.86 -6.62
N VAL A 205 9.61 -16.89 -6.99
CA VAL A 205 8.69 -17.87 -6.43
C VAL A 205 8.29 -18.66 -7.64
N LYS A 206 8.60 -19.97 -7.76
CA LYS A 206 8.27 -20.76 -8.92
C LYS A 206 7.04 -21.55 -8.64
N LEU A 207 6.15 -21.41 -9.61
CA LEU A 207 4.83 -21.96 -9.54
C LEU A 207 4.80 -23.10 -10.51
N THR A 208 4.33 -24.17 -9.94
CA THR A 208 4.31 -25.50 -10.48
C THR A 208 2.93 -26.13 -10.19
N GLY A 209 2.27 -26.82 -11.12
CA GLY A 209 0.98 -27.46 -10.82
C GLY A 209 -0.14 -26.59 -11.35
N SER A 210 -1.36 -26.81 -10.90
CA SER A 210 -2.53 -26.08 -11.32
C SER A 210 -3.36 -25.93 -10.07
N LEU A 211 -4.09 -24.81 -10.01
CA LEU A 211 -5.02 -24.54 -8.91
C LEU A 211 -6.24 -25.45 -8.95
N SER A 212 -6.78 -25.86 -7.80
CA SER A 212 -7.96 -26.70 -7.69
C SER A 212 -8.88 -26.50 -6.51
N GLY A 213 -10.12 -26.68 -6.92
CA GLY A 213 -11.18 -26.77 -5.96
C GLY A 213 -11.33 -25.46 -5.30
N TRP A 214 -11.28 -25.56 -4.00
CA TRP A 214 -11.52 -24.37 -3.24
C TRP A 214 -10.34 -23.40 -3.23
N THR A 215 -9.16 -23.90 -3.60
CA THR A 215 -7.93 -23.10 -3.68
C THR A 215 -8.02 -21.97 -4.69
N SER A 216 -7.73 -20.73 -4.32
CA SER A 216 -7.78 -19.63 -5.24
C SER A 216 -6.37 -19.05 -5.41
N PRO A 217 -6.11 -18.12 -6.32
CA PRO A 217 -4.95 -17.24 -6.25
C PRO A 217 -4.62 -16.67 -4.87
N LYS A 218 -5.60 -16.20 -4.10
CA LYS A 218 -5.41 -15.64 -2.78
C LYS A 218 -4.55 -16.51 -1.88
N ASP A 219 -4.81 -17.79 -1.92
CA ASP A 219 -4.02 -18.77 -1.19
C ASP A 219 -2.54 -18.73 -1.45
N VAL A 220 -2.08 -18.53 -2.70
CA VAL A 220 -0.64 -18.53 -3.02
C VAL A 220 0.12 -17.46 -2.25
N ILE A 221 -0.40 -16.25 -2.08
CA ILE A 221 0.32 -15.24 -1.32
C ILE A 221 0.06 -15.45 0.16
N LEU A 222 -0.96 -16.18 0.60
CA LEU A 222 -1.15 -16.40 2.02
C LEU A 222 -0.12 -17.43 2.48
N LYS A 223 0.18 -18.39 1.61
CA LYS A 223 1.20 -19.37 1.86
C LYS A 223 2.54 -18.69 1.81
N VAL A 224 2.89 -17.99 0.74
CA VAL A 224 4.15 -17.26 0.59
C VAL A 224 4.30 -16.28 1.76
N ALA A 225 3.25 -15.57 2.19
CA ALA A 225 3.39 -14.60 3.29
C ALA A 225 3.77 -15.34 4.52
N GLY A 226 3.15 -16.48 4.76
CA GLY A 226 3.52 -17.28 5.88
C GLY A 226 4.95 -17.76 5.77
N ILE A 227 5.44 -18.12 4.59
CA ILE A 227 6.80 -18.62 4.42
C ILE A 227 7.85 -17.53 4.64
N LEU A 228 7.66 -16.32 4.11
CA LEU A 228 8.64 -15.26 4.24
C LEU A 228 8.51 -14.37 5.47
N THR A 229 7.27 -14.18 5.87
CA THR A 229 6.78 -13.30 6.92
C THR A 229 6.86 -11.85 6.51
N VAL A 230 6.22 -10.98 7.30
CA VAL A 230 6.27 -9.54 7.18
C VAL A 230 7.68 -8.98 6.93
N LYS A 231 8.72 -9.54 7.59
CA LYS A 231 10.08 -9.05 7.44
C LYS A 231 10.77 -9.60 6.21
N GLY A 232 10.33 -10.78 5.77
CA GLY A 232 10.90 -11.48 4.63
C GLY A 232 11.12 -10.71 3.32
N GLY A 233 10.17 -10.00 2.72
CA GLY A 233 10.38 -9.36 1.43
C GLY A 233 11.09 -8.02 1.46
N THR A 234 11.55 -7.40 2.56
CA THR A 234 12.16 -6.06 2.52
C THR A 234 13.32 -6.02 1.56
N GLY A 235 13.36 -4.97 0.75
CA GLY A 235 14.43 -4.69 -0.18
C GLY A 235 14.42 -5.47 -1.47
N ALA A 236 13.44 -6.32 -1.71
CA ALA A 236 13.37 -7.16 -2.90
C ALA A 236 12.08 -7.05 -3.67
N ILE A 237 12.06 -7.59 -4.88
CA ILE A 237 10.84 -7.66 -5.67
C ILE A 237 10.52 -9.14 -5.78
N VAL A 238 9.29 -9.59 -5.55
CA VAL A 238 8.98 -11.00 -5.71
C VAL A 238 8.60 -11.22 -7.14
N GLU A 239 9.31 -12.01 -7.91
CA GLU A 239 8.95 -12.26 -9.29
C GLU A 239 8.42 -13.69 -9.39
N TYR A 240 7.23 -13.86 -9.95
CA TYR A 240 6.62 -15.17 -10.03
C TYR A 240 6.88 -15.78 -11.38
N HIS A 241 7.18 -17.07 -11.45
CA HIS A 241 7.63 -17.74 -12.68
C HIS A 241 7.34 -19.25 -12.62
N GLY A 242 7.51 -20.04 -13.66
CA GLY A 242 7.28 -21.46 -13.57
C GLY A 242 6.16 -21.85 -14.52
N PRO A 243 5.84 -23.12 -14.72
CA PRO A 243 4.62 -23.58 -15.37
C PRO A 243 3.27 -23.06 -14.81
N GLY A 244 3.19 -23.06 -13.50
CA GLY A 244 1.98 -22.65 -12.80
C GLY A 244 1.48 -21.26 -13.14
N VAL A 245 2.26 -20.28 -13.57
CA VAL A 245 1.76 -18.95 -13.88
C VAL A 245 0.53 -18.92 -14.79
N ASP A 246 0.56 -19.72 -15.85
CA ASP A 246 -0.53 -19.76 -16.83
C ASP A 246 -1.81 -20.45 -16.33
N SER A 247 -1.72 -21.03 -15.14
CA SER A 247 -2.84 -21.63 -14.49
C SER A 247 -3.58 -20.53 -13.77
N ILE A 248 -3.01 -19.34 -13.53
CA ILE A 248 -3.73 -18.27 -12.85
C ILE A 248 -4.22 -17.26 -13.92
N SER A 249 -5.33 -16.60 -13.57
CA SER A 249 -5.98 -15.57 -14.36
C SER A 249 -5.24 -14.28 -14.06
N CYS A 250 -5.40 -13.27 -14.88
CA CYS A 250 -4.80 -11.99 -14.63
C CYS A 250 -5.25 -11.31 -13.29
N THR A 251 -6.51 -11.30 -12.92
CA THR A 251 -6.89 -10.67 -11.69
C THR A 251 -6.44 -11.51 -10.48
N GLY A 252 -6.35 -12.83 -10.60
CA GLY A 252 -5.78 -13.66 -9.57
C GLY A 252 -4.32 -13.31 -9.40
N MET A 253 -3.62 -13.07 -10.50
CA MET A 253 -2.23 -12.68 -10.46
C MET A 253 -2.06 -11.36 -9.77
N ALA A 254 -3.01 -10.46 -9.99
CA ALA A 254 -3.04 -9.17 -9.31
C ALA A 254 -3.37 -9.36 -7.82
N THR A 255 -4.16 -10.32 -7.36
CA THR A 255 -4.36 -10.57 -5.93
C THR A 255 -3.06 -10.85 -5.17
N ILE A 256 -2.22 -11.69 -5.80
CA ILE A 256 -0.96 -12.20 -5.27
C ILE A 256 -0.01 -11.04 -5.16
N CYS A 257 0.22 -10.29 -6.22
CA CYS A 257 1.08 -9.13 -6.16
C CYS A 257 0.63 -8.14 -5.14
N ASN A 258 -0.68 -7.86 -5.06
CA ASN A 258 -1.34 -6.94 -4.14
C ASN A 258 -0.96 -7.30 -2.70
N MET A 259 -1.10 -8.58 -2.31
CA MET A 259 -0.78 -8.89 -0.92
C MET A 259 0.71 -8.99 -0.67
N GLY A 260 1.58 -8.96 -1.68
CA GLY A 260 3.00 -8.98 -1.46
C GLY A 260 3.47 -7.75 -0.70
N ALA A 261 2.60 -6.71 -0.58
CA ALA A 261 2.90 -5.51 0.19
C ALA A 261 3.02 -5.81 1.68
N GLU A 262 2.33 -6.85 2.18
CA GLU A 262 2.40 -7.34 3.57
C GLU A 262 3.62 -8.17 4.01
N ILE A 263 4.55 -8.53 3.11
CA ILE A 263 5.83 -9.12 3.49
C ILE A 263 6.96 -8.09 3.27
N GLY A 264 6.62 -6.86 2.91
CA GLY A 264 7.60 -5.80 2.79
C GLY A 264 8.40 -5.74 1.52
N ALA A 265 7.92 -6.41 0.44
CA ALA A 265 8.53 -6.44 -0.89
C ALA A 265 8.43 -5.09 -1.58
N THR A 266 9.40 -4.59 -2.38
CA THR A 266 9.27 -3.30 -3.07
C THR A 266 8.09 -3.34 -4.05
N THR A 267 7.81 -4.46 -4.70
CA THR A 267 6.63 -4.70 -5.51
C THR A 267 6.67 -6.17 -5.88
N SER A 268 5.73 -6.70 -6.66
CA SER A 268 5.70 -8.08 -7.13
C SER A 268 5.32 -8.10 -8.62
N VAL A 269 5.76 -9.02 -9.49
CA VAL A 269 5.40 -9.00 -10.91
C VAL A 269 5.27 -10.42 -11.47
N PHE A 270 4.48 -10.58 -12.53
CA PHE A 270 4.24 -11.85 -13.19
C PHE A 270 4.60 -11.68 -14.68
N PRO A 271 5.12 -12.63 -15.48
CA PRO A 271 5.60 -12.39 -16.86
C PRO A 271 4.47 -12.28 -17.85
N TYR A 272 4.53 -11.46 -18.91
CA TYR A 272 3.47 -11.42 -19.91
C TYR A 272 3.17 -12.86 -20.39
N ASN A 273 1.89 -13.22 -20.38
CA ASN A 273 1.44 -14.52 -20.79
C ASN A 273 -0.02 -14.43 -21.29
N HIS A 274 -0.62 -15.52 -21.80
CA HIS A 274 -1.91 -15.39 -22.44
C HIS A 274 -3.06 -14.98 -21.55
N ARG A 275 -2.96 -15.17 -20.26
CA ARG A 275 -4.05 -14.76 -19.43
C ARG A 275 -4.15 -13.23 -19.41
N MET A 276 -2.99 -12.56 -19.45
CA MET A 276 -2.99 -11.13 -19.39
C MET A 276 -3.44 -10.63 -20.74
N LYS A 277 -3.16 -11.35 -21.84
CA LYS A 277 -3.54 -10.93 -23.19
C LYS A 277 -5.06 -10.79 -23.38
N LYS A 278 -5.69 -11.83 -22.86
CA LYS A 278 -7.10 -12.05 -22.78
C LYS A 278 -7.79 -10.94 -22.02
N TYR A 279 -7.35 -10.67 -20.79
CA TYR A 279 -7.91 -9.61 -19.99
C TYR A 279 -7.68 -8.32 -20.75
N LEU A 280 -6.52 -8.03 -21.34
CA LEU A 280 -6.29 -6.81 -22.07
C LEU A 280 -7.32 -6.63 -23.13
N SER A 281 -7.63 -7.66 -23.87
CA SER A 281 -8.66 -7.55 -24.87
C SER A 281 -10.06 -7.40 -24.26
N LYS A 282 -10.38 -8.08 -23.15
CA LYS A 282 -11.69 -7.97 -22.60
C LYS A 282 -11.81 -6.63 -21.91
N THR A 283 -10.76 -5.86 -21.63
CA THR A 283 -10.93 -4.55 -21.03
C THR A 283 -10.66 -3.43 -22.02
N GLY A 284 -10.83 -3.81 -23.29
CA GLY A 284 -10.73 -2.87 -24.39
C GLY A 284 -9.35 -2.44 -24.79
N ARG A 285 -8.33 -3.28 -24.64
CA ARG A 285 -6.97 -2.93 -24.97
C ARG A 285 -6.29 -4.07 -25.79
N ALA A 286 -6.98 -4.50 -26.84
CA ALA A 286 -6.54 -5.62 -27.70
C ALA A 286 -5.25 -5.23 -28.35
N ASP A 287 -5.14 -3.95 -28.71
CA ASP A 287 -3.99 -3.35 -29.37
C ASP A 287 -2.73 -3.33 -28.50
N ILE A 288 -2.89 -3.16 -27.18
CA ILE A 288 -1.80 -3.26 -26.21
C ILE A 288 -1.39 -4.73 -26.16
N ALA A 289 -2.35 -5.66 -26.20
CA ALA A 289 -2.02 -7.09 -26.18
C ALA A 289 -1.26 -7.48 -27.47
N ASN A 290 -1.61 -6.85 -28.59
CA ASN A 290 -0.98 -7.17 -29.86
C ASN A 290 0.42 -6.56 -29.92
N LEU A 291 0.62 -5.32 -29.49
CA LEU A 291 1.92 -4.70 -29.52
C LEU A 291 2.88 -5.47 -28.65
N ALA A 292 2.37 -5.86 -27.48
CA ALA A 292 3.10 -6.60 -26.47
C ALA A 292 3.53 -7.99 -26.92
N ASP A 293 2.68 -8.68 -27.68
CA ASP A 293 3.03 -9.93 -28.34
C ASP A 293 4.26 -9.75 -29.25
N GLU A 294 4.51 -8.63 -29.92
CA GLU A 294 5.72 -8.42 -30.74
C GLU A 294 6.96 -8.03 -29.93
N PHE A 295 6.80 -7.62 -28.64
CA PHE A 295 7.91 -7.30 -27.74
C PHE A 295 8.09 -8.24 -26.55
N LYS A 296 7.44 -9.39 -26.69
CA LYS A 296 7.39 -10.47 -25.74
C LYS A 296 8.73 -10.97 -25.20
N ASP A 297 9.88 -10.97 -25.92
CA ASP A 297 11.17 -11.34 -25.31
C ASP A 297 11.55 -10.30 -24.26
N HIS A 298 11.03 -9.05 -24.30
CA HIS A 298 11.42 -8.08 -23.29
C HIS A 298 10.51 -8.14 -22.10
N LEU A 299 9.41 -8.92 -22.17
CA LEU A 299 8.41 -9.01 -21.10
C LEU A 299 8.24 -10.34 -20.36
N VAL A 300 9.29 -11.16 -20.43
CA VAL A 300 9.44 -12.44 -19.75
C VAL A 300 10.85 -12.47 -19.15
N PRO A 301 11.24 -13.27 -18.16
CA PRO A 301 12.59 -13.30 -17.65
C PRO A 301 13.52 -13.93 -18.63
N ASP A 302 14.79 -13.57 -18.70
CA ASP A 302 15.68 -14.31 -19.57
C ASP A 302 15.82 -15.72 -19.03
N PRO A 303 16.11 -16.72 -19.88
CA PRO A 303 16.53 -18.08 -19.47
C PRO A 303 17.71 -18.03 -18.52
N GLY A 304 17.64 -18.75 -17.39
CA GLY A 304 18.73 -18.72 -16.45
C GLY A 304 19.02 -17.38 -15.79
N CYS A 305 18.07 -16.51 -15.58
CA CYS A 305 18.33 -15.27 -14.85
C CYS A 305 18.49 -15.67 -13.38
N HIS A 306 19.05 -14.85 -12.49
CA HIS A 306 19.33 -15.31 -11.16
C HIS A 306 18.60 -14.63 -10.04
N TYR A 307 17.88 -15.45 -9.30
CA TYR A 307 17.13 -14.94 -8.21
C TYR A 307 17.94 -15.11 -6.93
N ASP A 308 17.94 -14.12 -6.06
CA ASP A 308 18.76 -14.13 -4.86
C ASP A 308 18.21 -15.07 -3.83
N GLN A 309 17.07 -15.70 -4.15
CA GLN A 309 16.41 -16.67 -3.29
C GLN A 309 15.26 -17.28 -4.07
N VAL A 310 15.03 -18.59 -4.05
CA VAL A 310 13.93 -19.15 -4.78
C VAL A 310 12.99 -19.92 -3.86
N ILE A 311 11.67 -19.75 -3.98
CA ILE A 311 10.65 -20.38 -3.18
C ILE A 311 9.87 -21.13 -4.23
N GLU A 312 9.61 -22.42 -4.01
CA GLU A 312 8.92 -23.31 -4.93
C GLU A 312 7.57 -23.73 -4.36
N ILE A 313 6.48 -23.47 -5.06
CA ILE A 313 5.16 -23.75 -4.54
C ILE A 313 4.40 -24.54 -5.59
N ASN A 314 3.85 -25.65 -5.09
CA ASN A 314 3.06 -26.55 -5.89
C ASN A 314 1.59 -26.21 -5.79
N LEU A 315 1.02 -25.58 -6.81
CA LEU A 315 -0.41 -25.23 -6.81
C LEU A 315 -1.34 -26.43 -6.62
N SER A 316 -0.95 -27.60 -7.12
CA SER A 316 -1.74 -28.79 -6.98
C SER A 316 -1.79 -29.40 -5.60
N GLU A 317 -0.80 -29.23 -4.74
CA GLU A 317 -0.93 -29.66 -3.35
C GLU A 317 -1.58 -28.60 -2.51
N LEU A 318 -1.68 -27.35 -3.02
CA LEU A 318 -2.09 -26.21 -2.20
C LEU A 318 -3.56 -26.31 -1.86
N LYS A 319 -3.89 -25.90 -0.62
CA LYS A 319 -5.25 -25.98 -0.18
C LYS A 319 -5.57 -24.72 0.60
N PRO A 320 -6.86 -24.36 0.79
CA PRO A 320 -7.29 -23.08 1.32
C PRO A 320 -6.67 -22.65 2.64
N HIS A 321 -6.37 -21.39 2.79
CA HIS A 321 -5.72 -20.83 3.96
C HIS A 321 -6.45 -19.63 4.56
N ILE A 322 -6.27 -19.36 5.85
CA ILE A 322 -6.85 -18.20 6.48
C ILE A 322 -5.71 -17.73 7.40
N ASN A 323 -5.33 -16.48 7.18
CA ASN A 323 -4.17 -15.94 7.87
C ASN A 323 -4.55 -14.99 8.97
N GLY A 324 -3.88 -15.03 10.10
CA GLY A 324 -4.24 -14.21 11.24
C GLY A 324 -4.64 -15.03 12.48
N PRO A 325 -4.97 -14.37 13.59
CA PRO A 325 -5.62 -13.10 13.58
C PRO A 325 -4.85 -11.83 13.88
N PHE A 326 -3.54 -11.66 14.09
CA PHE A 326 -3.17 -10.25 14.16
C PHE A 326 -2.06 -9.75 13.25
N THR A 327 -1.63 -10.64 12.34
CA THR A 327 -0.65 -10.35 11.29
C THR A 327 -1.15 -11.13 10.07
N PRO A 328 -0.83 -10.68 8.85
CA PRO A 328 -1.01 -11.43 7.62
C PRO A 328 -0.13 -12.65 7.48
N ASP A 329 0.73 -13.03 8.42
CA ASP A 329 1.63 -14.12 8.14
C ASP A 329 1.52 -15.32 9.03
N LEU A 330 0.74 -15.22 10.09
CA LEU A 330 0.39 -16.44 10.78
C LEU A 330 -0.57 -17.15 9.80
N ALA A 331 -0.01 -18.11 9.05
CA ALA A 331 -0.73 -18.90 8.06
C ALA A 331 -1.47 -20.09 8.65
N HIS A 332 -2.69 -20.46 8.21
CA HIS A 332 -3.39 -21.66 8.67
C HIS A 332 -4.12 -22.36 7.51
N PRO A 333 -4.19 -23.68 7.33
CA PRO A 333 -5.10 -24.32 6.39
C PRO A 333 -6.50 -24.07 6.90
N VAL A 334 -7.49 -23.98 6.01
CA VAL A 334 -8.85 -23.71 6.47
C VAL A 334 -9.24 -24.92 7.31
N ALA A 335 -8.74 -26.10 6.93
CA ALA A 335 -8.89 -27.31 7.68
C ALA A 335 -8.50 -27.17 9.15
N GLU A 336 -7.42 -26.51 9.58
CA GLU A 336 -7.11 -26.41 10.99
C GLU A 336 -7.57 -25.21 11.77
N VAL A 337 -8.04 -24.12 11.15
CA VAL A 337 -8.22 -22.93 11.98
C VAL A 337 -9.26 -23.10 13.11
N GLY A 338 -10.24 -24.03 13.02
CA GLY A 338 -11.23 -24.34 14.10
C GLY A 338 -10.55 -24.68 15.44
N SER A 339 -9.78 -25.76 15.43
CA SER A 339 -8.99 -26.20 16.55
C SER A 339 -8.07 -25.12 17.11
N VAL A 340 -7.33 -24.36 16.27
CA VAL A 340 -6.37 -23.41 16.82
C VAL A 340 -7.15 -22.36 17.57
N ALA A 341 -8.20 -21.82 16.92
CA ALA A 341 -9.12 -20.89 17.58
C ALA A 341 -9.53 -21.35 19.00
N GLU A 342 -10.06 -22.56 19.22
CA GLU A 342 -10.39 -23.02 20.56
C GLU A 342 -9.10 -23.32 21.32
N LYS A 343 -8.02 -24.00 20.91
CA LYS A 343 -6.81 -24.05 21.77
C LYS A 343 -6.21 -22.67 22.19
N GLU A 344 -6.31 -21.70 21.29
CA GLU A 344 -5.68 -20.41 21.42
C GLU A 344 -6.58 -19.37 22.10
N GLY A 345 -7.91 -19.45 22.02
CA GLY A 345 -8.78 -18.48 22.72
C GLY A 345 -9.34 -17.37 21.82
N TRP A 346 -9.56 -17.87 20.59
CA TRP A 346 -10.06 -17.07 19.49
C TRP A 346 -11.53 -17.36 19.29
N PRO A 347 -12.31 -16.25 19.31
CA PRO A 347 -13.77 -16.25 19.17
C PRO A 347 -14.16 -17.11 18.00
N LEU A 348 -14.88 -18.20 18.18
CA LEU A 348 -15.22 -19.07 17.07
C LEU A 348 -16.38 -18.71 16.13
N ASP A 349 -17.42 -18.00 16.57
CA ASP A 349 -18.55 -17.72 15.68
C ASP A 349 -18.16 -16.35 15.12
N ILE A 350 -18.30 -16.41 13.78
CA ILE A 350 -17.91 -15.37 12.87
C ILE A 350 -19.02 -14.33 12.90
N ARG A 351 -18.61 -13.13 13.32
CA ARG A 351 -19.47 -11.95 13.46
C ARG A 351 -19.86 -11.28 12.14
N VAL A 352 -18.91 -10.60 11.45
CA VAL A 352 -19.10 -10.05 10.11
C VAL A 352 -18.17 -10.77 9.09
N GLY A 353 -18.69 -11.12 7.92
CA GLY A 353 -17.90 -11.67 6.83
C GLY A 353 -17.82 -10.57 5.77
N LEU A 354 -16.64 -10.22 5.30
CA LEU A 354 -16.47 -9.12 4.37
C LEU A 354 -15.73 -9.58 3.13
N ILE A 355 -16.33 -9.47 1.92
CA ILE A 355 -15.61 -9.80 0.71
C ILE A 355 -15.48 -8.51 -0.06
N GLY A 356 -14.66 -8.51 -1.10
CA GLY A 356 -14.50 -7.33 -1.91
C GLY A 356 -13.14 -6.70 -1.70
N SER A 357 -13.16 -5.38 -1.72
CA SER A 357 -12.00 -4.47 -1.71
C SER A 357 -11.26 -4.56 -3.07
N CYS A 358 -10.06 -3.97 -3.21
CA CYS A 358 -9.37 -4.11 -4.50
C CYS A 358 -8.56 -5.41 -4.58
N THR A 359 -8.34 -6.11 -3.47
CA THR A 359 -7.65 -7.36 -3.47
C THR A 359 -8.53 -8.48 -3.99
N ASN A 360 -9.83 -8.53 -3.74
CA ASN A 360 -10.62 -9.65 -4.23
C ASN A 360 -12.01 -9.21 -4.67
N SER A 361 -12.06 -8.56 -5.83
CA SER A 361 -13.33 -8.09 -6.34
C SER A 361 -13.24 -8.15 -7.83
N SER A 362 -12.68 -9.19 -8.41
CA SER A 362 -12.74 -9.29 -9.84
C SER A 362 -14.08 -9.95 -10.21
N TYR A 363 -14.48 -10.02 -11.49
CA TYR A 363 -15.67 -10.72 -11.93
C TYR A 363 -15.52 -12.18 -11.50
N GLU A 364 -14.32 -12.76 -11.62
CA GLU A 364 -14.05 -14.13 -11.26
C GLU A 364 -14.33 -14.34 -9.80
N ASP A 365 -13.89 -13.42 -8.99
CA ASP A 365 -14.05 -13.52 -7.55
C ASP A 365 -15.51 -13.44 -7.18
N MET A 366 -16.20 -12.39 -7.62
CA MET A 366 -17.61 -12.18 -7.33
C MET A 366 -18.43 -13.38 -7.77
N GLY A 367 -18.11 -13.90 -8.95
CA GLY A 367 -18.72 -15.12 -9.46
C GLY A 367 -18.47 -16.37 -8.59
N ARG A 368 -17.25 -16.65 -8.11
CA ARG A 368 -17.05 -17.86 -7.33
C ARG A 368 -17.86 -17.66 -6.05
N SER A 369 -17.88 -16.48 -5.42
CA SER A 369 -18.71 -16.28 -4.23
C SER A 369 -20.20 -16.51 -4.50
N ALA A 370 -20.71 -15.98 -5.57
CA ALA A 370 -22.08 -16.21 -5.95
C ALA A 370 -22.32 -17.69 -6.16
N ALA A 371 -21.41 -18.42 -6.79
CA ALA A 371 -21.58 -19.83 -7.03
C ALA A 371 -21.64 -20.57 -5.72
N VAL A 372 -21.21 -20.02 -4.58
CA VAL A 372 -21.35 -20.66 -3.28
C VAL A 372 -22.70 -20.20 -2.72
N ALA A 373 -23.01 -18.88 -2.77
CA ALA A 373 -24.29 -18.34 -2.31
C ALA A 373 -25.50 -19.09 -2.89
N LYS A 374 -25.51 -19.26 -4.23
CA LYS A 374 -26.52 -19.97 -5.02
C LYS A 374 -26.84 -21.34 -4.38
N GLN A 375 -25.87 -22.04 -3.74
CA GLN A 375 -26.16 -23.36 -3.18
C GLN A 375 -26.79 -23.25 -1.82
N ALA A 376 -26.37 -22.31 -0.99
CA ALA A 376 -26.98 -22.17 0.32
C ALA A 376 -28.44 -21.79 0.15
N LEU A 377 -28.69 -20.82 -0.74
CA LEU A 377 -30.02 -20.33 -1.09
C LEU A 377 -30.82 -21.47 -1.60
N ALA A 378 -30.24 -22.32 -2.41
CA ALA A 378 -30.94 -23.51 -2.88
C ALA A 378 -31.34 -24.53 -1.76
N HIS A 379 -31.10 -24.24 -0.47
CA HIS A 379 -31.55 -25.11 0.61
C HIS A 379 -32.16 -24.20 1.68
N GLY A 380 -32.67 -23.07 1.18
CA GLY A 380 -33.32 -22.09 2.02
C GLY A 380 -32.40 -21.61 3.11
N LEU A 381 -31.09 -21.64 2.86
CA LEU A 381 -30.13 -21.10 3.81
C LEU A 381 -29.71 -19.70 3.35
N LYS A 382 -29.20 -18.95 4.31
CA LYS A 382 -28.82 -17.58 4.09
C LYS A 382 -27.65 -17.31 5.06
N CYS A 383 -27.05 -16.13 5.15
CA CYS A 383 -25.88 -15.86 6.00
C CYS A 383 -26.18 -15.80 7.46
N LYS A 384 -25.52 -16.72 8.14
CA LYS A 384 -25.58 -16.78 9.58
C LYS A 384 -24.75 -15.63 10.14
N SER A 385 -23.78 -15.11 9.40
CA SER A 385 -23.02 -13.96 9.85
C SER A 385 -23.51 -12.77 9.02
N GLN A 386 -23.15 -11.58 9.49
CA GLN A 386 -23.47 -10.31 8.84
C GLN A 386 -22.57 -10.33 7.60
N PHE A 387 -22.92 -9.86 6.41
CA PHE A 387 -22.14 -10.07 5.19
C PHE A 387 -21.98 -8.79 4.38
N THR A 388 -20.81 -8.24 4.03
CA THR A 388 -20.77 -7.06 3.16
C THR A 388 -19.94 -7.34 1.90
N ILE A 389 -20.26 -6.69 0.78
CA ILE A 389 -19.65 -6.93 -0.52
C ILE A 389 -19.06 -5.60 -0.93
N THR A 390 -17.78 -5.38 -1.22
CA THR A 390 -17.39 -4.09 -1.76
C THR A 390 -16.94 -4.26 -3.17
N PRO A 391 -17.56 -3.71 -4.22
CA PRO A 391 -16.98 -3.69 -5.56
C PRO A 391 -15.77 -2.78 -5.59
N GLY A 392 -14.75 -3.23 -6.29
CA GLY A 392 -13.56 -2.44 -6.45
C GLY A 392 -13.80 -1.35 -7.47
N SER A 393 -14.70 -1.46 -8.46
CA SER A 393 -14.97 -0.37 -9.40
C SER A 393 -16.45 -0.30 -9.83
N GLU A 394 -16.85 0.83 -10.46
CA GLU A 394 -18.20 1.00 -10.98
C GLU A 394 -18.41 0.01 -12.10
N GLN A 395 -17.41 -0.15 -12.94
CA GLN A 395 -17.47 -1.18 -13.93
C GLN A 395 -17.72 -2.58 -13.34
N ILE A 396 -17.09 -2.98 -12.24
CA ILE A 396 -17.38 -4.29 -11.67
C ILE A 396 -18.74 -4.29 -11.02
N ARG A 397 -19.19 -3.20 -10.41
CA ARG A 397 -20.51 -3.20 -9.82
C ARG A 397 -21.56 -3.36 -10.92
N ALA A 398 -21.48 -2.50 -11.94
CA ALA A 398 -22.35 -2.53 -13.09
C ALA A 398 -22.42 -3.89 -13.79
N THR A 399 -21.30 -4.52 -14.17
CA THR A 399 -21.26 -5.84 -14.79
C THR A 399 -21.74 -6.95 -13.84
N ILE A 400 -21.42 -7.02 -12.53
CA ILE A 400 -21.87 -8.17 -11.73
C ILE A 400 -23.34 -7.99 -11.36
N GLU A 401 -23.77 -6.74 -11.36
CA GLU A 401 -25.16 -6.45 -11.08
C GLU A 401 -25.94 -7.04 -12.26
N ARG A 402 -25.62 -6.55 -13.46
CA ARG A 402 -26.19 -7.03 -14.72
C ARG A 402 -26.13 -8.55 -14.93
N ASP A 403 -25.01 -9.24 -14.67
CA ASP A 403 -24.99 -10.70 -14.91
C ASP A 403 -25.57 -11.45 -13.75
N GLY A 404 -26.18 -10.72 -12.82
CA GLY A 404 -26.96 -11.28 -11.74
C GLY A 404 -26.25 -11.58 -10.44
N TYR A 405 -24.92 -11.65 -10.37
CA TYR A 405 -24.26 -12.03 -9.13
C TYR A 405 -24.72 -11.18 -7.96
N ALA A 406 -24.90 -9.87 -8.15
CA ALA A 406 -25.20 -8.94 -7.06
C ALA A 406 -26.50 -9.23 -6.36
N GLN A 407 -27.47 -9.78 -7.10
CA GLN A 407 -28.70 -10.12 -6.45
C GLN A 407 -28.56 -11.40 -5.64
N VAL A 408 -27.80 -12.38 -6.12
CA VAL A 408 -27.57 -13.63 -5.37
C VAL A 408 -27.02 -13.42 -3.95
N LEU A 409 -26.10 -12.46 -3.95
CA LEU A 409 -25.38 -12.04 -2.78
C LEU A 409 -26.32 -11.20 -1.92
N ARG A 410 -27.22 -10.40 -2.47
CA ARG A 410 -28.24 -9.80 -1.62
C ARG A 410 -29.21 -10.84 -1.01
N ASP A 411 -29.62 -11.81 -1.80
CA ASP A 411 -30.48 -12.87 -1.35
C ASP A 411 -29.89 -13.67 -0.21
N VAL A 412 -28.62 -14.06 -0.10
CA VAL A 412 -28.14 -14.70 1.14
C VAL A 412 -28.00 -13.65 2.24
N GLY A 413 -28.19 -12.35 2.02
CA GLY A 413 -28.21 -11.38 3.11
C GLY A 413 -27.03 -10.44 3.12
N GLY A 414 -26.32 -10.32 2.00
CA GLY A 414 -25.20 -9.43 1.95
C GLY A 414 -25.60 -8.00 1.66
N ILE A 415 -24.80 -7.03 2.09
CA ILE A 415 -25.08 -5.64 1.78
C ILE A 415 -23.88 -5.11 1.01
N VAL A 416 -24.22 -4.60 -0.19
CA VAL A 416 -23.22 -4.09 -1.14
C VAL A 416 -22.77 -2.66 -0.81
N LEU A 417 -21.50 -2.43 -0.46
CA LEU A 417 -20.97 -1.15 -0.05
C LEU A 417 -20.60 -0.28 -1.23
N ALA A 418 -20.26 0.99 -1.04
CA ALA A 418 -19.85 1.86 -2.10
C ALA A 418 -18.54 1.36 -2.69
N ASN A 419 -18.15 1.71 -3.93
CA ASN A 419 -16.92 1.21 -4.54
C ASN A 419 -15.80 2.11 -4.03
N ALA A 420 -15.45 1.85 -2.79
CA ALA A 420 -14.51 2.63 -2.05
C ALA A 420 -13.87 1.67 -1.05
N CYS A 421 -12.64 1.93 -0.57
CA CYS A 421 -11.94 1.15 0.42
C CYS A 421 -12.83 0.69 1.59
N GLY A 422 -13.53 1.68 2.16
CA GLY A 422 -14.51 1.45 3.21
C GLY A 422 -13.85 0.74 4.37
N PRO A 423 -14.42 -0.35 4.95
CA PRO A 423 -13.79 -1.10 6.06
C PRO A 423 -12.33 -1.66 5.94
N CYS A 424 -11.72 -1.60 4.75
CA CYS A 424 -10.36 -2.04 4.53
C CYS A 424 -9.30 -1.10 5.12
N ILE A 425 -9.53 0.23 5.18
CA ILE A 425 -8.60 1.15 5.88
C ILE A 425 -9.18 1.55 7.25
N GLY A 426 -10.34 0.95 7.63
CA GLY A 426 -10.98 1.29 8.90
C GLY A 426 -12.07 2.36 8.82
N GLN A 427 -12.53 2.77 7.61
CA GLN A 427 -13.54 3.80 7.32
C GLN A 427 -14.94 3.14 7.36
N TRP A 428 -15.40 2.89 8.60
CA TRP A 428 -16.52 2.02 8.93
C TRP A 428 -17.14 2.35 10.28
N ASP A 429 -18.42 2.74 10.18
CA ASP A 429 -19.24 2.94 11.35
C ASP A 429 -19.81 1.54 11.65
N ARG A 430 -19.05 0.72 12.37
CA ARG A 430 -19.47 -0.66 12.69
C ARG A 430 -20.44 -0.62 13.87
N LYS A 431 -21.43 -1.52 14.04
CA LYS A 431 -22.33 -1.37 15.17
C LYS A 431 -22.71 -2.64 15.96
N ASP A 432 -22.44 -3.80 15.37
CA ASP A 432 -22.79 -5.06 15.98
C ASP A 432 -21.99 -5.39 17.23
N ILE A 433 -20.86 -4.69 17.40
CA ILE A 433 -20.08 -4.86 18.60
C ILE A 433 -20.03 -3.54 19.33
N LYS A 434 -19.84 -3.85 20.62
CA LYS A 434 -19.56 -2.91 21.67
C LYS A 434 -18.03 -2.63 21.54
N LYS A 435 -17.45 -1.43 21.84
CA LYS A 435 -16.00 -1.29 21.77
C LYS A 435 -15.30 -2.09 22.89
N GLY A 436 -14.17 -2.68 22.48
CA GLY A 436 -13.43 -3.53 23.40
C GLY A 436 -13.99 -4.95 23.26
N GLU A 437 -15.16 -5.18 22.58
CA GLU A 437 -15.77 -6.51 22.43
C GLU A 437 -14.81 -7.53 21.86
N LYS A 438 -14.76 -8.81 22.28
CA LYS A 438 -13.77 -9.72 21.74
C LYS A 438 -14.54 -10.38 20.63
N ASN A 439 -14.16 -10.25 19.36
CA ASN A 439 -14.94 -11.00 18.38
C ASN A 439 -14.13 -11.32 17.11
N THR A 440 -14.58 -12.23 16.26
CA THR A 440 -13.91 -12.65 15.03
C THR A 440 -14.64 -12.18 13.77
N ILE A 441 -13.90 -11.61 12.82
CA ILE A 441 -14.44 -11.13 11.55
C ILE A 441 -13.56 -11.75 10.46
N VAL A 442 -14.10 -12.14 9.31
CA VAL A 442 -13.30 -12.78 8.29
C VAL A 442 -13.45 -11.92 7.06
N THR A 443 -12.36 -11.50 6.41
CA THR A 443 -12.46 -10.67 5.26
C THR A 443 -11.70 -11.30 4.10
N SER A 444 -11.97 -10.84 2.87
CA SER A 444 -11.13 -11.23 1.77
C SER A 444 -10.15 -10.10 1.45
N TYR A 445 -9.62 -9.36 2.43
CA TYR A 445 -8.74 -8.25 2.14
C TYR A 445 -7.28 -8.69 2.25
N ASN A 446 -6.39 -7.88 2.82
CA ASN A 446 -4.97 -8.16 2.89
C ASN A 446 -4.37 -8.01 4.28
N ARG A 447 -4.40 -6.79 4.80
CA ARG A 447 -3.84 -6.42 6.08
C ARG A 447 -4.87 -6.66 7.20
N ASN A 448 -4.51 -7.31 8.30
CA ASN A 448 -5.43 -7.57 9.39
C ASN A 448 -4.66 -7.29 10.66
N PHE A 449 -3.77 -6.30 10.62
CA PHE A 449 -3.09 -5.84 11.82
C PHE A 449 -4.18 -5.25 12.72
N THR A 450 -3.78 -4.87 13.93
CA THR A 450 -4.75 -4.51 14.95
C THR A 450 -5.44 -3.17 14.88
N GLY A 451 -6.76 -3.35 14.85
CA GLY A 451 -7.65 -2.21 14.82
C GLY A 451 -7.69 -1.56 13.42
N ARG A 452 -7.25 -2.30 12.41
CA ARG A 452 -7.22 -1.80 11.06
C ARG A 452 -8.63 -1.73 10.50
N ASN A 453 -9.55 -2.60 10.90
CA ASN A 453 -10.83 -2.62 10.28
C ASN A 453 -11.89 -1.86 11.05
N ASP A 454 -11.91 -1.91 12.37
CA ASP A 454 -12.94 -1.24 13.14
C ASP A 454 -12.43 -0.41 14.30
N ALA A 455 -11.12 -0.53 14.53
CA ALA A 455 -10.39 0.11 15.65
C ALA A 455 -10.80 -0.44 17.04
N ASN A 456 -11.32 -1.64 17.02
CA ASN A 456 -11.65 -2.38 18.22
C ASN A 456 -10.42 -3.27 18.29
N PRO A 457 -9.52 -2.88 19.21
CA PRO A 457 -8.29 -3.62 19.49
C PRO A 457 -8.47 -5.12 19.68
N GLU A 458 -9.60 -5.58 20.21
CA GLU A 458 -9.87 -7.00 20.44
C GLU A 458 -10.63 -7.72 19.32
N THR A 459 -10.72 -7.12 18.12
CA THR A 459 -11.36 -7.83 17.03
C THR A 459 -10.27 -8.64 16.33
N HIS A 460 -10.60 -9.90 16.12
CA HIS A 460 -9.74 -10.94 15.56
C HIS A 460 -10.18 -11.07 14.12
N ALA A 461 -9.30 -10.69 13.21
CA ALA A 461 -9.63 -10.68 11.82
C ALA A 461 -8.71 -11.62 11.08
N PHE A 462 -9.34 -12.43 10.26
CA PHE A 462 -8.69 -13.41 9.41
C PHE A 462 -8.99 -12.96 7.98
N VAL A 463 -8.04 -13.16 7.07
CA VAL A 463 -8.13 -12.81 5.67
C VAL A 463 -8.04 -14.12 4.88
N THR A 464 -8.82 -14.29 3.83
CA THR A 464 -8.72 -15.48 3.00
C THR A 464 -9.33 -15.09 1.65
N SER A 465 -9.94 -15.97 0.88
CA SER A 465 -10.54 -15.70 -0.42
C SER A 465 -11.98 -15.25 -0.25
N PRO A 466 -12.61 -14.51 -1.15
CA PRO A 466 -14.04 -14.28 -1.11
C PRO A 466 -14.91 -15.55 -1.00
N GLU A 467 -14.70 -16.63 -1.78
CA GLU A 467 -15.43 -17.91 -1.67
C GLU A 467 -15.36 -18.53 -0.29
N ILE A 468 -14.21 -18.61 0.40
CA ILE A 468 -14.17 -19.11 1.74
C ILE A 468 -14.88 -18.15 2.69
N VAL A 469 -14.80 -16.82 2.52
CA VAL A 469 -15.53 -15.88 3.40
C VAL A 469 -17.05 -16.14 3.30
N THR A 470 -17.62 -16.32 2.10
CA THR A 470 -19.04 -16.56 1.92
C THR A 470 -19.41 -17.86 2.65
N ALA A 471 -18.73 -18.97 2.27
CA ALA A 471 -18.92 -20.27 2.90
C ALA A 471 -18.81 -20.20 4.43
N LEU A 472 -17.79 -19.53 4.98
CA LEU A 472 -17.73 -19.39 6.42
C LEU A 472 -18.74 -18.35 6.92
N ALA A 473 -19.28 -17.40 6.14
CA ALA A 473 -20.29 -16.46 6.64
C ALA A 473 -21.65 -17.14 6.75
N ILE A 474 -21.97 -18.13 5.88
CA ILE A 474 -23.25 -18.83 5.99
C ILE A 474 -23.19 -19.70 7.23
N ALA A 475 -22.02 -20.30 7.46
CA ALA A 475 -21.76 -21.18 8.58
C ALA A 475 -21.76 -20.38 9.85
N GLY A 476 -21.21 -19.18 9.86
CA GLY A 476 -21.16 -18.41 11.08
C GLY A 476 -20.10 -18.97 12.00
N THR A 477 -19.23 -19.88 11.56
CA THR A 477 -18.19 -20.27 12.46
C THR A 477 -16.96 -20.74 11.70
N LEU A 478 -15.85 -20.37 12.39
CA LEU A 478 -14.49 -20.77 12.02
C LEU A 478 -14.30 -22.26 12.25
N LYS A 479 -15.25 -22.83 12.95
CA LYS A 479 -15.22 -24.24 13.13
C LYS A 479 -15.53 -24.92 11.78
N PHE A 480 -16.27 -24.29 10.84
CA PHE A 480 -16.69 -24.94 9.60
C PHE A 480 -15.63 -25.18 8.52
N ASN A 481 -15.65 -26.31 7.80
CA ASN A 481 -14.69 -26.58 6.76
C ASN A 481 -15.34 -26.98 5.45
N PRO A 482 -15.42 -26.08 4.49
CA PRO A 482 -16.28 -26.18 3.30
C PRO A 482 -16.10 -27.42 2.46
N GLU A 483 -14.82 -27.74 2.46
CA GLU A 483 -14.20 -28.83 1.74
C GLU A 483 -14.77 -30.12 2.23
N THR A 484 -14.97 -30.18 3.53
CA THR A 484 -15.34 -31.42 4.21
C THR A 484 -16.72 -31.51 4.80
N ASP A 485 -17.04 -30.58 5.70
CA ASP A 485 -18.28 -30.56 6.46
C ASP A 485 -19.65 -30.46 5.75
N PHE A 486 -20.73 -30.85 6.46
CA PHE A 486 -22.08 -30.87 5.92
C PHE A 486 -22.83 -29.69 6.47
N LEU A 487 -23.80 -29.16 5.72
CA LEU A 487 -24.62 -28.10 6.29
C LEU A 487 -26.04 -28.67 6.42
N THR A 488 -26.79 -28.35 7.52
CA THR A 488 -28.24 -28.76 7.65
C THR A 488 -29.05 -27.60 7.02
N GLY A 489 -29.67 -27.92 5.85
CA GLY A 489 -30.61 -27.10 5.10
C GLY A 489 -31.96 -26.98 5.80
N LYS A 490 -32.78 -26.00 5.43
CA LYS A 490 -34.09 -25.69 6.01
C LYS A 490 -35.07 -26.84 6.14
N ASP A 491 -34.88 -27.78 5.20
CA ASP A 491 -35.61 -29.04 4.96
C ASP A 491 -35.09 -30.25 5.77
N GLY A 492 -34.16 -29.95 6.68
CA GLY A 492 -33.58 -30.93 7.58
C GLY A 492 -32.51 -31.73 6.89
N LYS A 493 -32.33 -31.73 5.57
CA LYS A 493 -31.23 -32.50 5.00
C LYS A 493 -29.93 -31.72 5.11
N LYS A 494 -28.92 -32.59 5.16
CA LYS A 494 -27.53 -32.13 5.08
C LYS A 494 -27.21 -32.23 3.60
N PHE A 495 -26.22 -31.45 3.23
CA PHE A 495 -25.65 -31.51 1.89
C PHE A 495 -24.33 -30.80 2.12
N LYS A 496 -23.41 -30.97 1.18
CA LYS A 496 -22.24 -30.15 1.33
C LYS A 496 -22.07 -29.23 0.12
N LEU A 497 -21.20 -28.24 0.37
CA LEU A 497 -20.83 -27.24 -0.62
C LEU A 497 -19.81 -27.77 -1.66
N GLU A 498 -20.29 -27.58 -2.87
CA GLU A 498 -19.63 -27.86 -4.13
C GLU A 498 -18.64 -26.72 -4.23
N ALA A 499 -17.41 -27.05 -4.67
CA ALA A 499 -16.33 -26.09 -4.88
C ALA A 499 -16.71 -25.26 -6.10
N PRO A 500 -16.73 -23.94 -5.97
CA PRO A 500 -17.22 -23.08 -7.03
C PRO A 500 -16.47 -23.11 -8.37
N ASP A 501 -17.35 -22.85 -9.28
CA ASP A 501 -17.13 -22.87 -10.70
C ASP A 501 -17.49 -21.42 -11.13
N ALA A 502 -16.69 -20.73 -11.97
CA ALA A 502 -17.12 -19.44 -12.49
C ALA A 502 -16.26 -18.95 -13.65
N ASP A 503 -16.93 -18.23 -14.56
CA ASP A 503 -16.25 -17.53 -15.65
C ASP A 503 -15.24 -16.58 -15.02
N GLU A 504 -14.11 -16.61 -15.70
CA GLU A 504 -12.98 -15.79 -15.36
C GLU A 504 -13.31 -14.34 -15.71
N LEU A 505 -13.81 -14.11 -16.92
CA LEU A 505 -14.12 -12.80 -17.50
C LEU A 505 -15.55 -12.89 -18.00
N PRO A 506 -16.36 -11.84 -18.21
CA PRO A 506 -17.70 -11.94 -18.75
C PRO A 506 -17.73 -12.60 -20.12
N ARG A 507 -18.82 -13.31 -20.26
CA ARG A 507 -19.26 -13.91 -21.52
C ARG A 507 -19.42 -12.66 -22.42
N ALA A 508 -20.19 -11.69 -21.96
CA ALA A 508 -20.36 -10.40 -22.65
C ALA A 508 -19.16 -9.46 -22.44
N GLU A 509 -19.24 -8.23 -22.92
CA GLU A 509 -18.21 -7.30 -22.55
C GLU A 509 -18.55 -6.79 -21.13
N PHE A 510 -17.83 -5.82 -20.62
CA PHE A 510 -17.95 -5.25 -19.28
C PHE A 510 -18.74 -3.92 -19.33
N ASP A 511 -19.70 -3.70 -18.44
CA ASP A 511 -20.44 -2.44 -18.43
C ASP A 511 -19.53 -1.37 -17.80
N PRO A 512 -19.12 -0.28 -18.46
CA PRO A 512 -18.26 0.70 -17.85
C PRO A 512 -18.98 1.48 -16.75
N GLY A 513 -20.29 1.70 -16.90
CA GLY A 513 -20.99 2.60 -16.01
C GLY A 513 -20.94 4.03 -16.53
N GLN A 514 -21.76 4.87 -15.90
CA GLN A 514 -21.90 6.28 -16.24
C GLN A 514 -21.24 7.22 -15.27
N ASP A 515 -20.50 8.07 -15.95
CA ASP A 515 -20.02 9.29 -15.36
C ASP A 515 -19.00 9.19 -14.24
N THR A 516 -17.98 8.38 -14.52
CA THR A 516 -16.96 8.10 -13.55
C THR A 516 -15.72 8.97 -13.61
N TYR A 517 -15.33 9.57 -14.76
CA TYR A 517 -14.08 10.30 -14.86
C TYR A 517 -14.24 11.76 -15.28
N GLN A 518 -13.41 12.75 -14.91
CA GLN A 518 -13.45 14.15 -15.37
C GLN A 518 -12.11 14.41 -16.09
N HIS A 519 -12.13 14.67 -17.40
CA HIS A 519 -10.93 14.88 -18.16
C HIS A 519 -10.30 16.17 -17.67
N PRO A 520 -8.98 16.37 -17.62
CA PRO A 520 -8.39 17.71 -17.50
C PRO A 520 -8.62 18.50 -18.79
N PRO A 521 -9.01 19.80 -18.74
CA PRO A 521 -9.20 20.63 -19.91
C PRO A 521 -7.91 21.27 -20.27
N LYS A 522 -7.21 20.88 -21.34
CA LYS A 522 -6.01 21.64 -21.72
C LYS A 522 -6.31 23.12 -22.05
N ASP A 523 -7.61 23.32 -22.24
CA ASP A 523 -8.34 24.56 -22.14
C ASP A 523 -7.89 25.45 -20.94
N SER A 524 -8.61 25.37 -19.76
CA SER A 524 -8.56 26.24 -18.56
C SER A 524 -7.28 26.87 -17.96
N SER A 525 -6.85 27.73 -18.85
CA SER A 525 -5.82 28.74 -18.67
C SER A 525 -6.65 29.79 -17.88
N GLY A 526 -6.84 29.52 -16.58
CA GLY A 526 -7.67 30.29 -15.66
C GLY A 526 -8.44 29.32 -14.73
N GLN A 527 -7.86 28.12 -14.57
CA GLN A 527 -8.43 27.20 -13.63
C GLN A 527 -7.77 27.65 -12.35
N ARG A 528 -8.52 27.81 -11.27
CA ARG A 528 -7.93 28.33 -10.07
C ARG A 528 -8.27 27.41 -8.94
N VAL A 529 -7.27 27.20 -8.10
CA VAL A 529 -7.34 26.26 -6.99
C VAL A 529 -7.27 27.12 -5.71
N ASP A 530 -8.30 27.10 -4.82
CA ASP A 530 -8.29 27.93 -3.59
C ASP A 530 -8.49 27.12 -2.33
N VAL A 531 -7.50 27.32 -1.48
CA VAL A 531 -7.58 26.75 -0.14
C VAL A 531 -8.08 27.94 0.68
N SER A 532 -9.35 27.90 1.09
CA SER A 532 -9.96 28.93 1.91
C SER A 532 -9.01 29.17 3.06
N PRO A 533 -8.56 30.38 3.42
CA PRO A 533 -7.49 30.54 4.40
C PRO A 533 -7.71 29.86 5.78
N THR A 534 -8.94 29.84 6.29
CA THR A 534 -9.28 29.27 7.61
C THR A 534 -9.89 27.86 7.59
N SER A 535 -9.68 27.09 6.51
CA SER A 535 -10.23 25.76 6.34
C SER A 535 -9.67 24.81 7.35
N GLN A 536 -10.47 23.93 7.88
CA GLN A 536 -9.96 22.93 8.81
C GLN A 536 -9.61 21.59 8.18
N ARG A 537 -9.65 21.62 6.85
CA ARG A 537 -9.60 20.46 6.02
C ARG A 537 -8.36 20.51 5.16
N LEU A 538 -7.93 21.71 4.80
CA LEU A 538 -6.84 21.88 3.88
C LEU A 538 -5.93 23.01 4.30
N GLN A 539 -4.60 22.93 4.18
CA GLN A 539 -3.77 24.07 4.54
C GLN A 539 -2.52 24.08 3.68
N LEU A 540 -2.14 25.25 3.18
CA LEU A 540 -0.97 25.30 2.34
C LEU A 540 0.24 25.07 3.19
N LEU A 541 1.25 24.48 2.58
CA LEU A 541 2.45 24.09 3.27
C LEU A 541 3.36 25.25 3.45
N GLU A 542 4.07 25.19 4.57
CA GLU A 542 5.01 26.23 4.89
C GLU A 542 6.42 25.66 5.00
N PRO A 543 7.43 26.25 4.41
CA PRO A 543 8.70 25.59 4.14
C PRO A 543 9.37 25.23 5.43
N PHE A 544 9.91 24.03 5.55
CA PHE A 544 10.59 23.66 6.77
C PHE A 544 11.94 24.35 6.83
N ASP A 545 12.43 24.48 8.03
CA ASP A 545 13.74 25.08 8.29
C ASP A 545 14.83 24.25 7.67
N LYS A 546 15.65 25.05 7.00
CA LYS A 546 16.88 24.59 6.40
C LYS A 546 17.86 24.21 7.52
N TRP A 547 18.84 23.36 7.21
CA TRP A 547 19.73 22.93 8.28
C TRP A 547 20.75 24.00 8.67
N ASP A 548 20.93 24.01 10.01
CA ASP A 548 21.73 24.99 10.69
C ASP A 548 23.23 24.84 10.60
N GLY A 549 23.75 23.88 9.85
CA GLY A 549 25.18 23.72 9.77
C GLY A 549 25.76 23.10 11.04
N LYS A 550 24.93 22.79 12.04
CA LYS A 550 25.45 22.28 13.27
C LYS A 550 24.96 20.89 13.60
N ASP A 551 25.64 20.36 14.62
CA ASP A 551 25.39 18.98 15.02
C ASP A 551 24.20 19.03 15.92
N LEU A 552 23.61 17.90 16.22
CA LEU A 552 22.40 17.91 16.99
C LEU A 552 22.77 17.44 18.39
N GLU A 553 23.18 18.36 19.26
CA GLU A 553 23.51 18.06 20.65
C GLU A 553 22.32 18.03 21.53
N ASP A 554 22.42 17.14 22.51
CA ASP A 554 21.50 17.04 23.63
C ASP A 554 20.01 17.03 23.35
N LEU A 555 19.76 16.07 22.48
CA LEU A 555 18.43 15.78 22.04
C LEU A 555 17.76 14.97 23.14
N GLN A 556 16.51 15.31 23.30
CA GLN A 556 15.66 14.76 24.30
C GLN A 556 14.96 13.57 23.66
N ILE A 557 14.76 12.42 24.29
CA ILE A 557 14.05 11.33 23.65
C ILE A 557 12.61 11.58 24.05
N LEU A 558 11.76 11.72 23.04
CA LEU A 558 10.33 11.90 23.22
C LEU A 558 9.78 10.54 23.60
N ILE A 559 10.06 9.45 22.90
CA ILE A 559 9.57 8.13 23.25
C ILE A 559 10.54 7.10 22.67
N LYS A 560 10.78 6.07 23.49
CA LYS A 560 11.53 4.90 23.12
C LYS A 560 10.47 3.81 22.94
N VAL A 561 10.28 3.38 21.68
CA VAL A 561 9.23 2.46 21.28
C VAL A 561 9.71 1.05 21.43
N LYS A 562 8.87 0.33 22.14
CA LYS A 562 9.05 -1.08 22.39
C LYS A 562 8.33 -1.76 21.26
N GLY A 563 8.96 -2.70 20.55
CA GLY A 563 8.20 -3.46 19.57
C GLY A 563 7.75 -2.71 18.31
N LYS A 564 6.79 -3.42 17.68
CA LYS A 564 6.26 -3.05 16.35
C LYS A 564 5.61 -1.66 16.37
N CYS A 565 6.07 -0.88 15.40
CA CYS A 565 5.66 0.49 15.27
C CYS A 565 5.46 0.65 13.78
N THR A 566 4.20 0.47 13.43
CA THR A 566 3.64 0.54 12.10
C THR A 566 3.29 1.99 11.73
N THR A 567 3.05 2.45 10.49
CA THR A 567 2.67 3.83 10.27
C THR A 567 1.27 4.11 10.77
N ASP A 568 0.51 3.15 11.28
CA ASP A 568 -0.79 3.45 11.91
C ASP A 568 -0.67 3.83 13.38
N HIS A 569 0.50 3.54 13.92
CA HIS A 569 0.86 3.90 15.29
C HIS A 569 1.40 5.31 15.29
N ILE A 570 2.11 5.70 14.21
CA ILE A 570 2.70 7.03 14.09
C ILE A 570 1.62 8.05 13.70
N SER A 571 0.79 7.71 12.72
CA SER A 571 -0.25 8.60 12.19
C SER A 571 -1.48 7.75 11.92
N ALA A 572 -2.42 7.75 12.87
CA ALA A 572 -3.57 6.92 12.74
C ALA A 572 -4.47 7.43 11.62
N ALA A 573 -5.23 6.43 11.12
CA ALA A 573 -6.23 6.59 10.07
C ALA A 573 -7.59 6.74 10.73
N GLY A 574 -8.66 6.08 10.32
CA GLY A 574 -9.93 6.19 10.97
C GLY A 574 -10.32 7.65 10.91
N PRO A 575 -10.54 8.34 12.05
CA PRO A 575 -10.96 9.75 12.12
C PRO A 575 -9.93 10.82 11.71
N TRP A 576 -8.66 10.48 11.53
CA TRP A 576 -7.72 11.49 11.16
C TRP A 576 -7.66 11.66 9.64
N LEU A 577 -8.41 10.89 8.85
CA LEU A 577 -8.42 11.02 7.41
C LEU A 577 -9.06 12.31 6.98
N LYS A 578 -9.93 12.78 7.85
CA LYS A 578 -10.60 14.05 7.70
C LYS A 578 -9.61 15.20 7.62
N PHE A 579 -8.41 15.07 8.18
CA PHE A 579 -7.44 16.17 8.22
C PHE A 579 -6.17 15.85 7.43
N ARG A 580 -6.27 14.93 6.48
CA ARG A 580 -5.16 14.50 5.64
C ARG A 580 -4.60 15.61 4.76
N GLY A 581 -5.28 16.72 4.54
CA GLY A 581 -4.71 17.83 3.83
C GLY A 581 -4.39 18.93 4.80
N HIS A 582 -4.42 18.76 6.13
CA HIS A 582 -4.13 19.83 7.09
C HIS A 582 -3.03 19.38 8.05
N LEU A 583 -1.79 19.78 7.78
CA LEU A 583 -0.71 19.29 8.61
C LEU A 583 -0.79 19.66 10.06
N ASP A 584 -1.07 20.87 10.53
CA ASP A 584 -1.05 21.03 11.98
C ASP A 584 -2.26 20.42 12.61
N ASN A 585 -3.22 19.93 11.80
CA ASN A 585 -4.37 19.30 12.42
C ASN A 585 -4.17 17.82 12.53
N ILE A 586 -3.54 17.15 11.57
CA ILE A 586 -3.34 15.71 11.72
C ILE A 586 -2.17 15.45 12.67
N SER A 587 -1.19 16.38 12.83
CA SER A 587 -0.09 16.26 13.78
C SER A 587 -0.45 15.95 15.22
N ASN A 588 -1.70 16.16 15.63
CA ASN A 588 -2.18 15.93 16.99
C ASN A 588 -2.48 14.48 17.18
N ASN A 589 -2.13 13.64 16.20
CA ASN A 589 -2.18 12.19 16.32
C ASN A 589 -0.79 11.57 16.23
N LEU A 590 0.27 12.35 16.38
CA LEU A 590 1.63 11.87 16.28
C LEU A 590 1.80 10.87 17.39
N LEU A 591 2.21 9.66 16.97
CA LEU A 591 2.59 8.49 17.77
C LEU A 591 1.73 8.05 18.92
N ILE A 592 0.45 8.35 18.92
CA ILE A 592 -0.46 8.00 20.01
C ILE A 592 -0.68 6.46 20.06
N GLY A 593 -0.51 5.65 19.01
CA GLY A 593 -0.73 4.25 19.16
C GLY A 593 0.54 3.50 19.53
N ALA A 594 1.71 4.12 19.47
CA ALA A 594 2.93 3.42 19.81
C ALA A 594 3.05 3.07 21.28
N ILE A 595 3.77 1.99 21.60
CA ILE A 595 3.96 1.58 22.97
C ILE A 595 5.27 2.14 23.49
N ASN A 596 5.16 2.87 24.59
CA ASN A 596 6.27 3.43 25.35
C ASN A 596 6.94 2.33 26.16
N ILE A 597 8.20 2.02 25.90
CA ILE A 597 8.90 1.01 26.62
C ILE A 597 8.98 1.34 28.09
N GLU A 598 8.87 2.60 28.55
CA GLU A 598 8.95 2.93 29.97
C GLU A 598 7.77 2.38 30.79
N ASN A 599 6.54 2.62 30.35
CA ASN A 599 5.40 2.24 31.16
C ASN A 599 4.50 1.19 30.52
N ARG A 600 4.91 0.58 29.38
CA ARG A 600 4.12 -0.36 28.57
C ARG A 600 2.82 0.23 28.00
N LYS A 601 2.69 1.55 27.86
CA LYS A 601 1.42 2.14 27.46
C LYS A 601 1.58 3.07 26.26
N ALA A 602 0.42 3.25 25.66
CA ALA A 602 0.29 4.12 24.51
C ALA A 602 -0.27 5.46 24.96
N ASN A 603 0.36 6.46 24.37
CA ASN A 603 0.08 7.85 24.53
C ASN A 603 0.24 8.40 25.93
N SER A 604 1.30 7.99 26.61
CA SER A 604 1.69 8.60 27.86
C SER A 604 3.19 8.48 28.01
N VAL A 605 3.86 9.56 27.65
CA VAL A 605 5.28 9.66 27.77
C VAL A 605 5.51 10.66 28.88
N ARG A 606 6.72 10.69 29.46
CA ARG A 606 7.01 11.56 30.59
C ARG A 606 7.67 12.80 30.05
N ASN A 607 7.04 13.91 30.37
CA ASN A 607 7.58 15.18 29.94
C ASN A 607 8.85 15.41 30.73
N ALA A 608 9.97 15.74 30.08
CA ALA A 608 11.21 15.93 30.79
C ALA A 608 11.25 17.05 31.79
N VAL A 609 10.62 18.22 31.57
CA VAL A 609 10.75 19.24 32.61
C VAL A 609 9.64 19.30 33.64
N THR A 610 8.42 18.82 33.35
CA THR A 610 7.34 18.81 34.32
C THR A 610 7.19 17.47 35.10
N GLN A 611 7.84 16.40 34.62
CA GLN A 611 7.88 15.11 35.27
C GLN A 611 6.54 14.49 35.49
N GLU A 612 5.66 14.81 34.56
CA GLU A 612 4.28 14.38 34.61
C GLU A 612 4.07 13.57 33.35
N PHE A 613 3.33 12.44 33.35
CA PHE A 613 3.09 11.68 32.10
C PHE A 613 1.82 12.11 31.36
N GLY A 614 1.88 12.26 30.02
CA GLY A 614 0.72 12.69 29.23
C GLY A 614 0.90 12.44 27.74
N PRO A 615 0.03 12.91 26.86
CA PRO A 615 0.02 12.55 25.45
C PRO A 615 1.33 12.87 24.75
N VAL A 616 1.72 12.07 23.76
CA VAL A 616 2.91 12.28 22.98
C VAL A 616 2.79 13.59 22.18
N PRO A 617 1.69 13.95 21.46
CA PRO A 617 1.59 15.15 20.60
C PRO A 617 1.83 16.45 21.31
N ASP A 618 1.26 16.44 22.48
CA ASP A 618 1.31 17.55 23.39
C ASP A 618 2.72 17.77 23.89
N THR A 619 3.35 16.69 24.32
CA THR A 619 4.66 16.76 24.86
C THR A 619 5.62 17.21 23.77
N ALA A 620 5.47 16.70 22.55
CA ALA A 620 6.32 17.11 21.45
C ALA A 620 6.18 18.59 21.16
N ARG A 621 4.93 19.10 21.20
CA ARG A 621 4.66 20.51 20.96
C ARG A 621 5.28 21.32 22.07
N TYR A 622 5.21 20.84 23.31
CA TYR A 622 5.84 21.44 24.47
C TYR A 622 7.34 21.69 24.24
N TYR A 623 8.00 20.59 23.88
CA TYR A 623 9.40 20.60 23.59
C TYR A 623 9.67 21.61 22.52
N LYS A 624 8.87 21.57 21.47
CA LYS A 624 9.01 22.46 20.34
C LYS A 624 8.97 23.92 20.77
N GLN A 625 7.93 24.40 21.43
CA GLN A 625 7.88 25.81 21.85
C GLN A 625 8.81 26.20 23.01
N HIS A 626 9.65 25.30 23.49
CA HIS A 626 10.64 25.52 24.53
C HIS A 626 12.07 25.44 24.02
N GLY A 627 12.17 25.07 22.74
CA GLY A 627 13.41 24.88 22.02
C GLY A 627 14.07 23.52 22.25
N ILE A 628 13.31 22.45 22.51
CA ILE A 628 13.90 21.13 22.77
C ILE A 628 13.85 20.30 21.48
N ARG A 629 14.98 19.97 20.85
CA ARG A 629 14.91 19.13 19.65
C ARG A 629 14.83 17.71 20.11
N TRP A 630 14.04 16.84 19.53
CA TRP A 630 13.92 15.50 20.04
C TRP A 630 14.14 14.45 18.96
N VAL A 631 14.24 13.19 19.39
CA VAL A 631 14.55 12.02 18.57
C VAL A 631 13.53 10.93 18.93
N VAL A 632 13.18 9.98 18.05
CA VAL A 632 12.34 8.86 18.43
C VAL A 632 13.30 7.68 18.34
N ILE A 633 13.25 6.74 19.28
CA ILE A 633 14.11 5.55 19.28
C ILE A 633 13.21 4.35 18.97
N GLY A 634 13.53 3.49 18.03
CA GLY A 634 12.64 2.39 17.70
C GLY A 634 13.39 1.08 17.64
N ASP A 635 12.58 0.08 17.33
CA ASP A 635 13.01 -1.30 17.28
C ASP A 635 13.09 -1.84 15.85
N GLU A 636 12.57 -3.03 15.46
CA GLU A 636 12.62 -3.53 14.08
C GLU A 636 11.46 -3.19 13.14
N ASN A 637 11.86 -2.93 11.90
CA ASN A 637 10.94 -2.68 10.78
C ASN A 637 9.93 -1.58 11.08
N TYR A 638 10.52 -0.44 11.43
CA TYR A 638 9.84 0.75 11.84
C TYR A 638 9.28 1.48 10.64
N GLY A 639 8.03 1.90 10.78
CA GLY A 639 7.33 2.58 9.74
C GLY A 639 6.79 1.56 8.75
N GLU A 640 6.50 0.41 9.33
CA GLU A 640 5.99 -0.72 8.62
C GLU A 640 4.57 -0.43 8.15
N GLY A 641 4.16 -0.80 6.94
CA GLY A 641 2.77 -0.61 6.52
C GLY A 641 2.47 0.35 5.37
N SER A 642 1.39 1.06 5.67
CA SER A 642 0.75 2.03 4.78
C SER A 642 1.65 3.23 4.42
N SER A 643 1.57 3.76 3.19
CA SER A 643 2.48 4.76 2.64
C SER A 643 2.49 6.19 3.16
N ARG A 644 1.44 6.54 3.87
CA ARG A 644 1.23 7.75 4.65
C ARG A 644 2.47 8.63 4.82
N GLU A 645 2.72 9.65 4.01
CA GLU A 645 3.90 10.49 4.27
C GLU A 645 3.75 11.36 5.48
N HIS A 646 2.52 11.42 5.99
CA HIS A 646 2.20 12.14 7.18
C HIS A 646 2.95 11.49 8.33
N SER A 647 3.39 10.23 8.32
CA SER A 647 4.25 9.69 9.34
C SER A 647 5.62 10.32 9.40
N ALA A 648 6.06 11.02 8.38
CA ALA A 648 7.32 11.72 8.37
C ALA A 648 7.13 13.22 8.49
N LEU A 649 6.12 13.86 7.88
CA LEU A 649 5.87 15.29 8.02
C LEU A 649 5.56 15.72 9.46
N GLU A 650 4.70 14.92 10.13
CA GLU A 650 4.25 15.12 11.50
C GLU A 650 5.33 15.13 12.56
N PRO A 651 6.33 14.25 12.64
CA PRO A 651 7.49 14.50 13.46
C PRO A 651 8.26 15.72 13.01
N ARG A 652 8.27 16.11 11.75
CA ARG A 652 9.06 17.26 11.35
C ARG A 652 8.38 18.50 11.89
N HIS A 653 7.07 18.56 11.80
CA HIS A 653 6.29 19.69 12.25
C HIS A 653 6.34 19.95 13.77
N LEU A 654 6.39 18.88 14.57
CA LEU A 654 6.47 19.11 15.98
C LEU A 654 7.89 19.14 16.53
N GLY A 655 8.90 19.44 15.74
CA GLY A 655 10.25 19.64 16.23
C GLY A 655 11.20 18.44 16.29
N GLY A 656 10.84 17.29 15.70
CA GLY A 656 11.69 16.11 15.68
C GLY A 656 12.82 16.29 14.70
N ARG A 657 13.94 15.73 15.04
CA ARG A 657 15.09 15.80 14.18
C ARG A 657 15.52 14.44 13.65
N ALA A 658 15.51 13.40 14.48
CA ALA A 658 16.00 12.12 14.07
C ALA A 658 15.18 10.96 14.62
N ILE A 659 15.12 9.81 13.95
CA ILE A 659 14.44 8.58 14.40
C ILE A 659 15.54 7.54 14.31
N ILE A 660 15.99 6.91 15.39
CA ILE A 660 17.06 5.93 15.35
C ILE A 660 16.45 4.57 15.65
N THR A 661 16.60 3.64 14.75
CA THR A 661 15.94 2.36 14.87
C THR A 661 16.92 1.24 14.61
N LYS A 662 16.49 0.01 14.82
CA LYS A 662 17.25 -1.14 14.46
C LYS A 662 17.03 -1.36 12.96
N SER A 663 15.84 -1.15 12.38
CA SER A 663 15.61 -1.31 10.94
C SER A 663 14.39 -0.51 10.46
N PHE A 664 14.34 0.05 9.26
CA PHE A 664 13.17 0.77 8.77
C PHE A 664 12.52 0.03 7.63
N ALA A 665 11.27 0.38 7.41
CA ALA A 665 10.56 -0.11 6.26
C ALA A 665 10.87 0.94 5.22
N ARG A 666 10.95 0.46 3.99
CA ARG A 666 11.33 1.20 2.79
C ARG A 666 10.63 2.52 2.58
N ILE A 667 9.29 2.55 2.40
CA ILE A 667 8.57 3.77 2.03
C ILE A 667 8.67 4.72 3.17
N HIS A 668 8.60 4.30 4.44
CA HIS A 668 8.76 5.25 5.52
C HIS A 668 10.12 5.91 5.56
N GLU A 669 11.22 5.20 5.31
CA GLU A 669 12.53 5.79 5.30
C GLU A 669 12.67 6.74 4.11
N THR A 670 12.11 6.58 2.94
CA THR A 670 12.22 7.61 1.92
C THR A 670 11.52 8.89 2.34
N ASN A 671 10.38 8.75 3.01
CA ASN A 671 9.58 9.88 3.47
C ASN A 671 10.32 10.63 4.55
N LEU A 672 11.00 10.02 5.52
CA LEU A 672 11.79 10.77 6.51
C LEU A 672 12.85 11.58 5.83
N LYS A 673 13.62 10.98 4.96
CA LYS A 673 14.65 11.71 4.21
C LYS A 673 14.10 12.86 3.35
N LYS A 674 12.93 12.66 2.74
CA LYS A 674 12.30 13.64 1.88
C LYS A 674 11.88 14.83 2.71
N GLN A 675 11.46 14.64 3.96
CA GLN A 675 11.09 15.75 4.80
C GLN A 675 12.23 16.25 5.72
N GLY A 676 13.53 16.07 5.39
CA GLY A 676 14.65 16.64 6.16
C GLY A 676 14.96 16.05 7.54
N LEU A 677 14.43 14.89 7.89
CA LEU A 677 14.69 14.26 9.17
C LEU A 677 15.84 13.30 9.01
N LEU A 678 16.40 12.75 10.09
CA LEU A 678 17.50 11.82 10.00
C LEU A 678 17.06 10.41 10.31
N PRO A 679 16.89 9.52 9.33
CA PRO A 679 16.67 8.11 9.59
C PRO A 679 17.98 7.38 9.84
N LEU A 680 18.16 6.84 11.03
CA LEU A 680 19.42 6.23 11.35
C LEU A 680 19.20 4.88 12.00
N THR A 681 20.06 3.92 11.72
CA THR A 681 19.93 2.64 12.36
C THR A 681 21.21 2.42 13.16
N PHE A 682 21.05 1.66 14.21
CA PHE A 682 22.15 1.29 15.07
C PHE A 682 23.10 0.43 14.28
N ALA A 683 24.39 0.61 14.42
CA ALA A 683 25.33 -0.25 13.73
C ALA A 683 25.38 -1.57 14.48
N ASP A 684 24.90 -1.55 15.72
CA ASP A 684 24.81 -2.72 16.54
C ASP A 684 23.44 -2.65 17.12
N PRO A 685 22.52 -3.56 16.86
CA PRO A 685 21.18 -3.48 17.40
C PRO A 685 21.13 -3.69 18.90
N ALA A 686 22.22 -4.14 19.56
CA ALA A 686 22.25 -4.31 21.01
C ALA A 686 22.36 -2.97 21.72
N ASP A 687 22.82 -1.93 21.02
CA ASP A 687 22.86 -0.56 21.50
C ASP A 687 21.53 0.10 21.79
N TYR A 688 20.45 -0.32 21.14
CA TYR A 688 19.11 0.06 21.52
C TYR A 688 18.96 -0.13 23.01
N ASN A 689 19.69 -1.04 23.63
CA ASN A 689 19.62 -1.25 25.07
C ASN A 689 20.46 -0.29 25.90
N LYS A 690 21.41 0.44 25.30
CA LYS A 690 22.19 1.44 26.03
C LYS A 690 21.43 2.74 26.19
N ILE A 691 20.44 2.96 25.33
CA ILE A 691 19.74 4.24 25.35
C ILE A 691 18.53 4.13 26.25
N HIS A 692 18.31 5.05 27.20
CA HIS A 692 17.13 5.10 28.03
C HIS A 692 16.46 6.45 27.81
N PRO A 693 15.12 6.57 28.08
CA PRO A 693 14.33 7.77 27.90
C PRO A 693 14.98 9.08 28.38
N VAL A 694 15.69 8.93 29.49
CA VAL A 694 16.37 9.94 30.30
C VAL A 694 17.70 10.37 29.76
N ASP A 695 18.31 9.61 28.89
CA ASP A 695 19.60 9.99 28.36
C ASP A 695 19.38 11.16 27.36
N LYS A 696 20.39 11.97 27.03
CA LYS A 696 20.27 13.02 26.02
C LYS A 696 21.25 12.58 24.94
N LEU A 697 20.98 12.72 23.64
CA LEU A 697 21.90 12.21 22.62
C LEU A 697 22.56 13.34 21.90
N THR A 698 23.76 13.15 21.36
CA THR A 698 24.38 14.13 20.51
C THR A 698 24.77 13.33 19.28
N ILE A 699 24.31 13.82 18.12
CA ILE A 699 24.58 13.19 16.85
C ILE A 699 25.58 14.16 16.27
N GLN A 700 26.72 13.53 16.01
CA GLN A 700 27.88 14.22 15.62
C GLN A 700 28.44 13.77 14.30
N GLY A 701 28.80 14.76 13.47
CA GLY A 701 29.50 14.51 12.23
C GLY A 701 28.69 14.97 11.06
N LEU A 702 27.68 15.83 11.26
CA LEU A 702 26.79 16.20 10.17
C LEU A 702 27.52 17.02 9.13
N LYS A 703 28.48 17.74 9.70
CA LYS A 703 29.45 18.56 8.98
C LYS A 703 30.14 17.77 7.82
N ASP A 704 30.50 16.52 8.05
CA ASP A 704 31.17 15.79 7.01
C ASP A 704 30.41 14.48 6.81
N PHE A 705 29.12 14.68 6.61
CA PHE A 705 28.11 13.67 6.39
C PHE A 705 28.46 13.24 4.98
N ALA A 706 28.78 11.96 4.91
CA ALA A 706 29.25 11.32 3.69
C ALA A 706 28.45 10.04 3.54
N PRO A 707 28.04 9.62 2.32
CA PRO A 707 27.57 8.26 2.01
C PRO A 707 28.53 7.24 2.62
N GLY A 708 28.06 6.15 3.23
CA GLY A 708 28.95 5.15 3.80
C GLY A 708 29.69 5.56 5.06
N LYS A 709 30.05 6.80 5.32
CA LYS A 709 30.64 7.19 6.58
C LYS A 709 29.52 6.99 7.60
N PRO A 710 29.59 6.20 8.67
CA PRO A 710 28.63 6.25 9.77
C PRO A 710 28.77 7.49 10.66
N LEU A 711 27.72 7.75 11.44
CA LEU A 711 27.61 8.87 12.35
C LEU A 711 27.75 8.37 13.73
N LYS A 712 28.35 9.25 14.48
CA LYS A 712 28.76 8.94 15.83
C LYS A 712 27.77 9.65 16.74
N CYS A 713 27.25 8.86 17.63
CA CYS A 713 26.30 9.35 18.59
C CYS A 713 26.81 9.10 20.04
N ILE A 714 26.80 10.14 20.87
CA ILE A 714 27.29 10.11 22.23
C ILE A 714 26.04 10.08 23.06
N ILE A 715 25.97 9.09 23.92
CA ILE A 715 24.88 8.89 24.86
C ILE A 715 25.35 9.58 26.14
N LYS A 716 24.65 10.57 26.69
CA LYS A 716 25.01 11.26 27.94
C LYS A 716 24.04 10.85 29.05
N HIS A 717 24.47 9.94 29.93
CA HIS A 717 23.64 9.39 30.98
C HIS A 717 23.47 10.35 32.14
N PRO A 718 22.42 10.30 32.95
CA PRO A 718 22.17 11.33 33.99
C PRO A 718 23.35 11.56 34.99
N ASN A 719 24.05 10.47 35.38
CA ASN A 719 25.20 10.46 36.30
C ASN A 719 26.53 10.93 35.70
N GLY A 720 26.52 11.59 34.54
CA GLY A 720 27.75 12.13 33.97
C GLY A 720 28.58 11.13 33.15
N THR A 721 28.19 9.84 33.07
CA THR A 721 28.88 8.93 32.17
C THR A 721 28.34 9.22 30.78
N GLN A 722 29.15 8.94 29.78
CA GLN A 722 28.63 9.02 28.44
C GLN A 722 29.15 7.82 27.67
N GLU A 723 28.54 7.49 26.51
CA GLU A 723 28.92 6.34 25.67
C GLU A 723 29.00 6.84 24.26
N THR A 724 29.60 6.18 23.30
CA THR A 724 29.63 6.65 21.92
C THR A 724 29.28 5.43 21.11
N ILE A 725 28.40 5.56 20.15
CA ILE A 725 27.98 4.44 19.35
C ILE A 725 28.07 4.99 17.97
N LEU A 726 27.90 4.11 17.01
CA LEU A 726 27.89 4.52 15.62
C LEU A 726 26.51 4.22 15.09
N LEU A 727 26.13 4.99 14.08
CA LEU A 727 24.81 4.97 13.51
C LEU A 727 24.99 5.02 12.02
N ASN A 728 24.30 4.17 11.28
CA ASN A 728 24.43 4.13 9.83
C ASN A 728 23.20 4.76 9.24
N HIS A 729 23.29 4.99 7.95
CA HIS A 729 22.29 5.68 7.21
C HIS A 729 22.40 5.21 5.75
N THR A 730 21.42 5.48 4.84
CA THR A 730 21.54 5.13 3.43
C THR A 730 21.49 6.35 2.50
N PHE A 731 21.76 7.51 3.05
CA PHE A 731 21.82 8.72 2.28
C PHE A 731 22.97 8.69 1.28
N ASN A 732 22.57 8.91 0.03
CA ASN A 732 23.52 9.14 -1.06
C ASN A 732 23.69 10.66 -1.16
N GLU A 733 24.63 11.18 -1.93
CA GLU A 733 24.79 12.62 -2.00
C GLU A 733 23.51 13.31 -2.50
N THR A 734 22.54 12.68 -3.17
CA THR A 734 21.30 13.33 -3.54
C THR A 734 20.44 13.56 -2.32
N GLN A 735 20.41 12.62 -1.41
CA GLN A 735 19.60 12.75 -0.23
C GLN A 735 20.22 13.64 0.85
N ILE A 736 21.55 13.75 0.91
CA ILE A 736 22.22 14.66 1.84
C ILE A 736 21.84 16.06 1.46
N GLU A 737 21.67 16.37 0.18
CA GLU A 737 21.21 17.67 -0.22
C GLU A 737 19.77 17.90 0.22
N TRP A 738 18.89 16.91 0.25
CA TRP A 738 17.56 17.10 0.81
C TRP A 738 17.72 17.42 2.30
N PHE A 739 18.60 16.71 3.00
CA PHE A 739 18.84 17.01 4.38
C PHE A 739 19.25 18.47 4.59
N ARG A 740 20.30 18.89 3.90
CA ARG A 740 20.83 20.24 4.00
C ARG A 740 19.78 21.33 3.83
N ALA A 741 19.08 21.26 2.70
CA ALA A 741 18.03 22.22 2.36
C ALA A 741 16.85 22.20 3.31
N GLY A 742 16.64 21.18 4.16
CA GLY A 742 15.58 21.16 5.14
C GLY A 742 14.46 20.24 4.68
N SER A 743 14.36 19.92 3.38
CA SER A 743 13.44 18.97 2.81
C SER A 743 13.89 18.88 1.36
N ALA A 744 13.42 17.85 0.67
CA ALA A 744 13.69 17.61 -0.75
C ALA A 744 13.12 18.65 -1.71
N LEU A 745 12.01 19.16 -1.17
CA LEU A 745 11.18 20.17 -1.77
C LEU A 745 11.85 21.53 -1.69
N ASN A 746 12.46 21.83 -0.56
CA ASN A 746 13.19 23.08 -0.43
C ASN A 746 14.36 22.97 -1.43
N ARG A 747 15.03 21.82 -1.50
CA ARG A 747 16.07 21.57 -2.51
C ARG A 747 15.62 21.76 -3.94
N MET A 748 14.45 21.16 -4.28
CA MET A 748 13.86 21.23 -5.61
C MET A 748 13.78 22.68 -6.06
N LYS A 749 13.49 23.51 -5.08
CA LYS A 749 13.30 24.92 -5.32
C LYS A 749 14.59 25.68 -5.44
N GLU A 750 15.61 25.25 -4.71
CA GLU A 750 16.93 25.82 -4.91
C GLU A 750 17.38 25.57 -6.36
N LEU A 751 16.99 24.47 -7.04
CA LEU A 751 17.41 24.28 -8.44
C LEU A 751 16.69 25.20 -9.41
N GLN A 752 15.92 26.15 -8.94
CA GLN A 752 15.39 27.12 -9.88
C GLN A 752 16.01 28.49 -9.60
N GLN A 753 15.48 29.14 -8.58
CA GLN A 753 15.83 30.54 -8.38
C GLN A 753 16.53 30.77 -7.02
N LYS A 754 16.55 29.60 -6.35
CA LYS A 754 16.85 29.37 -4.93
C LYS A 754 15.64 29.91 -4.11
S SO4 B . -2.62 5.43 3.46
O1 SO4 B . -1.59 5.99 4.25
O2 SO4 B . -3.62 6.41 3.20
O3 SO4 B . -1.98 5.07 2.28
O4 SO4 B . -3.14 4.29 4.14
FE1 SF4 C . -7.31 -1.53 -1.73
FE2 SF4 C . -7.82 -1.73 0.92
FE3 SF4 C . -8.30 0.54 -0.47
FE4 SF4 C . -5.82 -0.24 0.12
S1 SF4 C . -7.43 0.46 1.66
S2 SF4 C . -6.55 0.61 -1.99
S3 SF4 C . -5.94 -2.59 -0.16
S4 SF4 C . -9.36 -1.49 -0.77
C1 TRC D . 18.48 -0.50 3.23
O1 TRC D . 18.66 -1.18 4.29
O2 TRC D . 19.41 0.10 2.68
C2 TRC D . 17.12 -0.38 2.54
C3 TRC D . 16.30 -1.73 2.38
C4 TRC D . 14.94 -1.50 1.63
C5 TRC D . 15.02 -0.92 0.21
O3 TRC D . 15.04 -1.70 -0.74
O4 TRC D . 15.03 0.32 0.01
C6 TRC D . 17.15 -2.82 1.62
O5 TRC D . 18.06 -2.51 0.81
O6 TRC D . 16.95 -4.03 1.92
#